data_8ODV
#
_entry.id   8ODV
#
_cell.length_a   1.00
_cell.length_b   1.00
_cell.length_c   1.00
_cell.angle_alpha   90.00
_cell.angle_beta   90.00
_cell.angle_gamma   90.00
#
_symmetry.space_group_name_H-M   'P 1'
#
loop_
_entity.id
_entity.type
_entity.pdbx_description
1 polymer 'ATPase GET3'
2 polymer 'Protein GET2,Protein GET1'
3 non-polymer 'ZINC ION'
#
loop_
_entity_poly.entity_id
_entity_poly.type
_entity_poly.pdbx_seq_one_letter_code
_entity_poly.pdbx_strand_id
1 'polypeptide(L)'
;MEPTLQSILDQRSLRWIFVGGKGGVGKTTTSCSLAIQLAKVRRSVLLLSTDPAHNLSDAFSQKFGKEARLVEGFDNLYAM
EIDPNGSMQDLLAGQTGDGDAGMGGVGVMQDLAYAIPGIDEAMSFAEVLKQVNSLSYETIVFDTAPTGHTLRFLQFPTVL
EKALAKVSQLSGQYGSLLNGILGGSGTLPNGQTLSDVMEKLDSLRVTISEVNAQFKDERLTTFVCVCIPEFLSLYETERM
IQELANYGIDTHCIVVNQLLFPKPGSDCEQCTARRRMQKKYLDQIEELYDEEFNVVKMPLLVEEVRGKERLEKFSEMLIK
PFVPPEWSHPQFEK
;
A,B
2 'polypeptide(L)'
;MGRPTPLWRFLHTLLAVALGLAVIMLSPFGGTKLERDRAAAAVAGSASEREWLASLTDSYPLVKTGLGGGLFWAFATGEA
ILLGTRWLFLSKKKKAATAAAKVNNNNGEGDDAELDSVEQAIELALEFFPAIRQPVEYLRPKVAVAMRYVDVGMTLWRDV
MLALFVLGAVAWWRAGSGSENLYFQSGSGSMSLLLVIFLLELVVQLVNTIGAKTINNLLWRFYLSIPGSPLAKDFAEQRA
KQKEYLQVRHDLNATSSQDEFAKWARLQRKHDKLMDELEKKKSQLDAHRTSFSRKLTIYRWILTRGMQWFLCFWFSSQPM
FWLPYGWFPYWVEWLVSFPNAPMGSVSIVVWQSACSGVLALVIEAVMAVVRYTGGTGMQKQRQPVPAAGGAPGTSKKDLG
SGSLEVLFQ
;
C,D
#
loop_
_chem_comp.id
_chem_comp.type
_chem_comp.name
_chem_comp.formula
ZN non-polymer 'ZINC ION' 'Zn 2'
#
# COMPACT_ATOMS: atom_id res chain seq x y z
N MET A 1 -20.79 -25.63 23.64
CA MET A 1 -20.66 -26.82 22.81
C MET A 1 -19.94 -27.94 23.54
N GLU A 2 -19.55 -28.96 22.81
CA GLU A 2 -18.79 -30.06 23.38
C GLU A 2 -17.36 -29.65 23.73
N PRO A 3 -16.98 -29.70 25.00
CA PRO A 3 -15.63 -29.28 25.42
C PRO A 3 -14.59 -30.39 25.27
N THR A 4 -14.38 -30.84 24.03
CA THR A 4 -13.34 -31.82 23.75
C THR A 4 -12.95 -31.70 22.29
N LEU A 5 -12.15 -32.64 21.82
CA LEU A 5 -11.74 -32.68 20.41
C LEU A 5 -12.26 -33.92 19.73
N GLN A 6 -13.41 -34.40 20.19
CA GLN A 6 -13.95 -35.67 19.70
C GLN A 6 -14.28 -35.60 18.22
N SER A 7 -14.72 -34.43 17.75
CA SER A 7 -15.02 -34.25 16.34
C SER A 7 -13.80 -34.40 15.42
N ILE A 8 -12.60 -34.12 15.90
CA ILE A 8 -11.46 -34.38 15.03
C ILE A 8 -11.20 -35.86 14.89
N LEU A 9 -11.52 -36.63 15.94
CA LEU A 9 -11.31 -38.08 15.88
C LEU A 9 -12.36 -38.74 14.99
N ASP A 10 -13.55 -38.16 14.96
CA ASP A 10 -14.75 -38.80 14.40
C ASP A 10 -14.80 -38.76 12.87
N GLN A 11 -14.15 -37.79 12.23
CA GLN A 11 -14.21 -37.67 10.78
C GLN A 11 -13.35 -38.71 10.06
N ARG A 12 -12.06 -38.78 10.39
CA ARG A 12 -11.20 -39.84 9.84
C ARG A 12 -10.87 -39.62 8.37
N SER A 13 -11.58 -38.72 7.68
CA SER A 13 -11.21 -38.37 6.32
C SER A 13 -10.33 -37.14 6.30
N LEU A 14 -10.02 -36.60 7.47
CA LEU A 14 -9.10 -35.50 7.61
C LEU A 14 -7.69 -35.94 7.27
N ARG A 15 -6.92 -35.04 6.68
CA ARG A 15 -5.54 -35.35 6.37
C ARG A 15 -4.59 -34.33 6.95
N TRP A 16 -4.97 -33.05 6.94
CA TRP A 16 -4.04 -31.99 7.32
C TRP A 16 -4.64 -31.19 8.47
N ILE A 17 -3.80 -30.87 9.45
CA ILE A 17 -4.21 -30.15 10.63
C ILE A 17 -3.25 -29.00 10.87
N PHE A 18 -3.80 -27.79 11.01
CA PHE A 18 -3.02 -26.60 11.30
C PHE A 18 -3.39 -26.14 12.70
N VAL A 19 -2.39 -25.85 13.52
CA VAL A 19 -2.59 -25.39 14.88
C VAL A 19 -1.60 -24.27 15.15
N GLY A 20 -2.11 -23.13 15.59
CA GLY A 20 -1.18 -22.05 15.89
C GLY A 20 -1.67 -20.98 16.84
N GLY A 21 -1.06 -19.80 16.73
CA GLY A 21 -1.37 -18.67 17.57
C GLY A 21 -0.16 -17.78 17.78
N LYS A 22 0.21 -17.51 19.02
CA LYS A 22 1.42 -16.75 19.30
C LYS A 22 2.26 -17.39 20.39
N GLY A 23 3.38 -16.77 20.69
CA GLY A 23 4.32 -17.34 21.62
C GLY A 23 3.80 -17.28 23.04
N GLY A 24 4.65 -17.75 23.95
CA GLY A 24 4.28 -17.66 25.35
C GLY A 24 3.13 -18.54 25.74
N VAL A 25 2.75 -19.49 24.88
CA VAL A 25 1.60 -20.34 25.15
C VAL A 25 1.97 -21.81 25.22
N GLY A 26 3.18 -22.19 24.83
CA GLY A 26 3.54 -23.59 24.87
C GLY A 26 2.82 -24.43 23.84
N LYS A 27 2.87 -24.03 22.56
CA LYS A 27 2.12 -24.76 21.56
C LYS A 27 2.67 -26.16 21.36
N THR A 28 3.97 -26.35 21.65
CA THR A 28 4.55 -27.67 21.47
C THR A 28 3.91 -28.70 22.38
N THR A 29 3.59 -28.32 23.61
CA THR A 29 2.87 -29.23 24.49
C THR A 29 1.51 -29.58 23.91
N THR A 30 0.84 -28.60 23.32
CA THR A 30 -0.44 -28.88 22.70
C THR A 30 -0.29 -29.76 21.48
N SER A 31 0.81 -29.61 20.76
CA SER A 31 1.00 -30.35 19.53
C SER A 31 1.26 -31.81 19.85
N CYS A 32 2.17 -32.06 20.78
CA CYS A 32 2.48 -33.43 21.14
C CYS A 32 1.29 -34.10 21.80
N SER A 33 0.50 -33.34 22.58
CA SER A 33 -0.70 -33.95 23.14
C SER A 33 -1.69 -34.30 22.06
N LEU A 34 -1.80 -33.47 21.02
CA LEU A 34 -2.69 -33.82 19.93
C LEU A 34 -2.20 -35.05 19.20
N ALA A 35 -0.91 -35.14 18.97
CA ALA A 35 -0.40 -36.25 18.18
C ALA A 35 -0.55 -37.55 18.92
N ILE A 36 -0.24 -37.56 20.21
CA ILE A 36 -0.29 -38.81 20.95
C ILE A 36 -1.73 -39.29 21.10
N GLN A 37 -2.66 -38.40 21.43
CA GLN A 37 -4.04 -38.86 21.48
C GLN A 37 -4.60 -39.19 20.11
N LEU A 38 -4.06 -38.59 19.05
CA LEU A 38 -4.42 -39.01 17.70
C LEU A 38 -3.93 -40.41 17.36
N ALA A 39 -2.76 -40.79 17.88
CA ALA A 39 -2.19 -42.08 17.51
C ALA A 39 -2.93 -43.27 18.09
N LYS A 40 -3.86 -43.05 19.00
CA LYS A 40 -4.60 -44.17 19.56
C LYS A 40 -5.53 -44.78 18.52
N VAL A 41 -5.94 -44.01 17.52
CA VAL A 41 -6.94 -44.46 16.56
C VAL A 41 -6.43 -44.24 15.14
N ARG A 42 -5.10 -44.13 14.96
CA ARG A 42 -4.59 -43.83 13.62
C ARG A 42 -3.51 -44.81 13.19
N ARG A 43 -3.03 -44.63 11.95
CA ARG A 43 -2.14 -45.59 11.31
C ARG A 43 -0.75 -45.04 11.04
N SER A 44 -0.66 -43.84 10.46
CA SER A 44 0.61 -43.26 10.03
C SER A 44 0.50 -41.75 10.20
N VAL A 45 1.03 -41.23 11.30
CA VAL A 45 0.90 -39.82 11.65
C VAL A 45 2.28 -39.20 11.71
N LEU A 46 2.44 -38.07 11.03
CA LEU A 46 3.72 -37.36 10.96
C LEU A 46 3.59 -35.96 11.52
N LEU A 47 4.54 -35.60 12.38
CA LEU A 47 4.68 -34.28 12.95
C LEU A 47 5.68 -33.50 12.12
N LEU A 48 5.46 -32.20 11.98
CA LEU A 48 6.45 -31.40 11.27
C LEU A 48 6.58 -30.07 11.97
N SER A 49 7.81 -29.66 12.24
CA SER A 49 8.09 -28.39 12.87
C SER A 49 9.09 -27.58 12.06
N THR A 50 8.92 -26.26 12.11
CA THR A 50 9.82 -25.33 11.46
C THR A 50 10.25 -24.19 12.37
N ASP A 51 9.84 -24.21 13.62
CA ASP A 51 10.27 -23.16 14.53
C ASP A 51 11.74 -23.32 14.93
N PRO A 52 12.49 -22.22 14.99
CA PRO A 52 13.94 -22.32 15.21
C PRO A 52 14.29 -22.81 16.60
N ALA A 53 13.34 -22.71 17.53
CA ALA A 53 13.43 -23.40 18.80
C ALA A 53 13.35 -24.89 18.56
N HIS A 54 14.46 -25.59 18.78
CA HIS A 54 14.54 -27.02 18.55
C HIS A 54 13.93 -27.70 19.77
N ASN A 55 12.60 -27.67 19.80
CA ASN A 55 11.86 -28.01 20.99
C ASN A 55 11.50 -29.48 21.09
N LEU A 56 11.42 -30.22 19.99
CA LEU A 56 11.07 -31.64 20.12
C LEU A 56 12.19 -32.42 20.78
N SER A 57 13.43 -31.95 20.65
CA SER A 57 14.52 -32.52 21.44
C SER A 57 14.24 -32.35 22.92
N ASP A 58 13.70 -31.19 23.30
CA ASP A 58 13.29 -30.99 24.68
C ASP A 58 12.07 -31.84 25.01
N ALA A 59 11.28 -32.18 24.00
CA ALA A 59 10.09 -32.97 24.21
C ALA A 59 10.42 -34.42 24.48
N PHE A 60 11.54 -34.91 23.97
CA PHE A 60 11.83 -36.33 24.12
C PHE A 60 13.29 -36.66 24.43
N SER A 61 14.16 -35.67 24.63
CA SER A 61 15.55 -35.92 25.00
C SER A 61 16.25 -36.83 23.99
N GLN A 62 16.03 -36.57 22.71
CA GLN A 62 16.59 -37.38 21.64
C GLN A 62 16.85 -36.48 20.45
N LYS A 63 18.08 -36.51 19.95
CA LYS A 63 18.44 -35.60 18.88
C LYS A 63 17.83 -36.05 17.56
N PHE A 64 17.27 -35.08 16.83
CA PHE A 64 16.71 -35.29 15.51
C PHE A 64 17.38 -34.37 14.52
N GLY A 65 17.20 -34.66 13.24
CA GLY A 65 17.87 -33.89 12.21
C GLY A 65 17.02 -33.71 10.97
N LYS A 66 17.61 -33.95 9.81
CA LYS A 66 16.92 -33.72 8.54
C LYS A 66 16.33 -34.99 7.95
N GLU A 67 15.96 -35.95 8.80
CA GLU A 67 15.32 -37.17 8.30
C GLU A 67 14.35 -37.72 9.32
N ALA A 68 13.22 -38.22 8.84
CA ALA A 68 12.21 -38.78 9.71
C ALA A 68 12.68 -40.12 10.28
N ARG A 69 12.16 -40.44 11.46
CA ARG A 69 12.42 -41.72 12.08
C ARG A 69 11.35 -41.96 13.12
N LEU A 70 11.33 -43.17 13.68
CA LEU A 70 10.44 -43.49 14.77
C LEU A 70 11.18 -43.31 16.08
N VAL A 71 10.53 -42.66 17.04
CA VAL A 71 11.12 -42.46 18.35
C VAL A 71 10.55 -43.52 19.29
N GLU A 72 11.29 -43.79 20.36
CA GLU A 72 10.97 -44.89 21.27
C GLU A 72 9.65 -44.66 21.99
N GLY A 73 9.08 -45.76 22.48
CA GLY A 73 7.79 -45.75 23.12
C GLY A 73 6.61 -45.71 22.19
N PHE A 74 6.85 -45.56 20.88
CA PHE A 74 5.78 -45.43 19.91
C PHE A 74 6.14 -46.21 18.65
N ASP A 75 5.12 -46.58 17.90
CA ASP A 75 5.26 -47.19 16.59
C ASP A 75 4.85 -46.25 15.47
N ASN A 76 4.48 -45.01 15.81
CA ASN A 76 3.92 -44.12 14.81
C ASN A 76 4.40 -42.68 14.92
N LEU A 77 5.32 -42.38 15.84
CA LEU A 77 5.76 -41.01 16.03
C LEU A 77 6.93 -40.72 15.09
N TYR A 78 6.68 -39.89 14.08
CA TYR A 78 7.68 -39.50 13.11
C TYR A 78 7.70 -37.99 12.98
N ALA A 79 8.89 -37.40 12.98
CA ALA A 79 9.01 -35.95 12.95
C ALA A 79 10.41 -35.58 12.50
N MET A 80 10.54 -34.38 11.93
CA MET A 80 11.86 -33.85 11.60
C MET A 80 11.85 -32.33 11.64
N GLU A 81 12.47 -31.75 12.67
CA GLU A 81 12.52 -30.30 12.82
C GLU A 81 13.53 -29.78 11.80
N ILE A 82 13.06 -29.02 10.82
CA ILE A 82 13.96 -28.65 9.73
C ILE A 82 14.27 -27.17 9.77
N ASP A 83 15.25 -26.75 8.95
CA ASP A 83 15.58 -25.35 8.84
C ASP A 83 15.29 -24.86 7.43
N PRO A 84 14.81 -23.63 7.26
CA PRO A 84 14.74 -23.09 5.90
C PRO A 84 16.09 -22.64 5.39
N ASN A 85 17.07 -22.45 6.26
CA ASN A 85 18.31 -21.87 5.77
C ASN A 85 19.18 -22.88 5.06
N GLY A 86 18.82 -24.16 5.12
CA GLY A 86 19.57 -25.15 4.37
C GLY A 86 19.40 -24.94 2.88
N SER A 87 18.22 -24.49 2.48
CA SER A 87 18.03 -24.15 1.07
C SER A 87 18.86 -22.93 0.68
N MET A 88 19.07 -21.99 1.61
CA MET A 88 19.99 -20.90 1.34
C MET A 88 21.42 -21.41 1.29
N GLN A 89 21.73 -22.47 2.04
CA GLN A 89 23.02 -23.12 1.88
C GLN A 89 23.10 -23.77 0.51
N ASP A 90 21.94 -24.18 -0.03
CA ASP A 90 21.87 -24.65 -1.40
C ASP A 90 22.08 -23.52 -2.38
N LEU A 91 21.78 -22.29 -1.98
CA LEU A 91 22.06 -21.14 -2.83
C LEU A 91 23.51 -20.70 -2.74
N LEU A 92 24.23 -21.11 -1.70
CA LEU A 92 25.63 -20.81 -1.56
C LEU A 92 26.49 -21.97 -2.07
N GLY A 107 25.82 -16.18 -8.36
CA GLY A 107 25.51 -14.93 -7.68
C GLY A 107 24.22 -14.29 -8.18
N VAL A 108 23.76 -14.75 -9.35
CA VAL A 108 22.56 -14.20 -9.96
C VAL A 108 21.29 -14.59 -9.21
N MET A 109 21.22 -15.81 -8.67
CA MET A 109 20.03 -16.22 -7.93
C MET A 109 19.85 -15.39 -6.66
N GLN A 110 20.94 -14.96 -6.05
CA GLN A 110 20.84 -14.04 -4.93
C GLN A 110 20.38 -12.66 -5.37
N ASP A 111 20.72 -12.25 -6.59
CA ASP A 111 20.15 -11.01 -7.06
C ASP A 111 18.67 -11.18 -7.32
N LEU A 112 18.26 -12.40 -7.66
CA LEU A 112 16.84 -12.65 -7.81
C LEU A 112 16.16 -12.55 -6.46
N ALA A 113 16.85 -12.98 -5.40
CA ALA A 113 16.29 -12.80 -4.07
C ALA A 113 16.25 -11.34 -3.70
N TYR A 114 17.06 -10.51 -4.35
CA TYR A 114 16.88 -9.09 -4.08
C TYR A 114 15.65 -8.58 -4.81
N ALA A 115 15.35 -9.17 -5.96
CA ALA A 115 14.23 -8.67 -6.76
C ALA A 115 12.91 -8.94 -6.05
N ILE A 116 12.82 -10.08 -5.36
CA ILE A 116 11.66 -10.46 -4.57
C ILE A 116 12.19 -10.82 -3.20
N PRO A 117 11.72 -10.18 -2.13
CA PRO A 117 12.32 -10.43 -0.81
C PRO A 117 12.12 -11.83 -0.28
N GLY A 118 11.19 -12.59 -0.84
CA GLY A 118 11.04 -13.94 -0.37
C GLY A 118 11.03 -14.93 -1.51
N ILE A 119 12.04 -15.78 -1.59
CA ILE A 119 12.04 -16.82 -2.61
C ILE A 119 12.29 -18.20 -2.06
N ASP A 120 13.41 -18.34 -1.36
CA ASP A 120 13.91 -19.65 -1.00
C ASP A 120 13.06 -20.37 0.03
N GLU A 121 12.34 -19.65 0.87
CA GLU A 121 11.54 -20.33 1.88
C GLU A 121 10.39 -21.11 1.27
N ALA A 122 9.72 -20.53 0.27
CA ALA A 122 8.66 -21.26 -0.40
C ALA A 122 9.17 -22.47 -1.17
N MET A 123 10.30 -22.36 -1.86
CA MET A 123 10.81 -23.53 -2.56
C MET A 123 11.25 -24.62 -1.60
N SER A 124 11.83 -24.25 -0.45
CA SER A 124 12.14 -25.24 0.56
C SER A 124 10.88 -25.92 1.08
N PHE A 125 9.85 -25.14 1.40
CA PHE A 125 8.62 -25.73 1.88
C PHE A 125 8.00 -26.62 0.81
N ALA A 126 8.23 -26.26 -0.45
CA ALA A 126 7.72 -27.04 -1.57
C ALA A 126 8.37 -28.41 -1.60
N GLU A 127 9.70 -28.44 -1.63
CA GLU A 127 10.39 -29.72 -1.76
C GLU A 127 10.16 -30.56 -0.51
N VAL A 128 9.95 -29.89 0.62
CA VAL A 128 9.59 -30.61 1.82
C VAL A 128 8.27 -31.33 1.59
N LEU A 129 7.28 -30.64 1.04
CA LEU A 129 5.98 -31.26 0.87
C LEU A 129 6.00 -32.32 -0.22
N LYS A 130 6.93 -32.23 -1.17
CA LYS A 130 7.11 -33.35 -2.11
C LYS A 130 7.61 -34.58 -1.38
N GLN A 131 8.57 -34.38 -0.47
CA GLN A 131 9.03 -35.50 0.35
C GLN A 131 7.90 -36.01 1.24
N VAL A 132 7.00 -35.11 1.62
CA VAL A 132 5.83 -35.49 2.42
C VAL A 132 4.94 -36.42 1.62
N ASN A 133 4.62 -36.02 0.39
CA ASN A 133 3.75 -36.85 -0.44
C ASN A 133 4.51 -37.99 -1.08
N SER A 134 5.79 -38.14 -0.76
CA SER A 134 6.53 -39.31 -1.22
C SER A 134 6.03 -40.57 -0.53
N LEU A 135 5.76 -40.49 0.77
CA LEU A 135 5.35 -41.66 1.52
C LEU A 135 3.84 -41.80 1.45
N SER A 136 3.30 -42.73 2.25
CA SER A 136 1.88 -42.99 2.27
C SER A 136 1.31 -42.77 3.67
N TYR A 137 1.64 -41.65 4.28
CA TYR A 137 1.25 -41.42 5.66
C TYR A 137 -0.21 -41.02 5.75
N GLU A 138 -0.82 -41.31 6.89
CA GLU A 138 -2.26 -41.09 7.06
C GLU A 138 -2.58 -39.64 7.30
N THR A 139 -1.92 -39.00 8.25
CA THR A 139 -2.22 -37.61 8.60
C THR A 139 -0.94 -36.93 9.06
N ILE A 140 -0.96 -35.60 9.04
CA ILE A 140 0.18 -34.82 9.47
C ILE A 140 -0.31 -33.67 10.34
N VAL A 141 0.64 -33.04 11.04
CA VAL A 141 0.35 -31.91 11.92
C VAL A 141 1.49 -30.90 11.86
N PHE A 142 1.20 -29.71 12.36
CA PHE A 142 2.06 -28.55 12.14
C PHE A 142 2.15 -27.68 13.37
N ASP A 143 3.09 -26.75 13.29
CA ASP A 143 3.41 -25.76 14.31
C ASP A 143 4.21 -24.71 13.57
N THR A 144 4.03 -23.44 13.92
CA THR A 144 4.63 -22.40 13.11
C THR A 144 5.16 -21.27 13.99
N ALA A 145 5.84 -20.34 13.33
CA ALA A 145 6.43 -19.15 13.94
C ALA A 145 5.35 -18.11 14.15
N PRO A 146 5.70 -16.91 14.65
CA PRO A 146 4.71 -15.83 14.63
C PRO A 146 4.04 -15.62 13.27
N THR A 147 2.84 -15.01 13.29
CA THR A 147 1.84 -15.24 12.24
C THR A 147 2.20 -14.51 10.96
N GLY A 148 2.74 -13.31 11.09
CA GLY A 148 3.11 -12.52 9.94
C GLY A 148 4.17 -13.21 9.13
N HIS A 149 4.93 -14.08 9.78
CA HIS A 149 5.87 -14.92 9.08
C HIS A 149 5.26 -16.25 8.64
N THR A 150 4.09 -16.61 9.19
CA THR A 150 3.40 -17.84 8.82
C THR A 150 2.62 -17.68 7.52
N LEU A 151 1.62 -16.83 7.58
CA LEU A 151 0.54 -16.83 6.61
C LEU A 151 1.02 -16.57 5.19
N ARG A 152 2.31 -16.33 5.00
CA ARG A 152 2.82 -16.15 3.65
C ARG A 152 2.71 -17.43 2.85
N PHE A 153 2.55 -18.57 3.50
CA PHE A 153 2.41 -19.79 2.72
C PHE A 153 1.14 -19.79 1.88
N LEU A 154 0.10 -19.04 2.26
CA LEU A 154 -0.98 -18.93 1.30
C LEU A 154 -0.62 -18.03 0.13
N GLN A 155 0.53 -17.37 0.21
CA GLN A 155 0.99 -16.45 -0.81
C GLN A 155 2.11 -17.06 -1.64
N PHE A 156 2.64 -18.19 -1.19
CA PHE A 156 3.72 -18.84 -1.92
C PHE A 156 3.36 -19.17 -3.36
N PRO A 157 2.15 -19.61 -3.70
CA PRO A 157 1.90 -19.88 -5.13
C PRO A 157 2.05 -18.63 -5.97
N THR A 158 1.54 -17.50 -5.49
CA THR A 158 1.67 -16.28 -6.27
C THR A 158 3.11 -15.82 -6.31
N VAL A 159 3.84 -15.95 -5.20
CA VAL A 159 5.22 -15.51 -5.20
C VAL A 159 6.01 -16.34 -6.20
N LEU A 160 5.74 -17.64 -6.22
CA LEU A 160 6.43 -18.56 -7.12
C LEU A 160 6.16 -18.15 -8.56
N GLU A 161 4.91 -17.82 -8.87
CA GLU A 161 4.58 -17.45 -10.24
C GLU A 161 5.31 -16.16 -10.64
N LYS A 162 5.27 -15.17 -9.75
CA LYS A 162 5.90 -13.89 -10.10
C LYS A 162 7.39 -14.08 -10.30
N ALA A 163 8.01 -14.86 -9.41
CA ALA A 163 9.44 -15.09 -9.51
C ALA A 163 9.79 -15.79 -10.81
N LEU A 164 9.03 -16.83 -11.18
CA LEU A 164 9.36 -17.53 -12.42
C LEU A 164 9.21 -16.60 -13.60
N ALA A 165 8.17 -15.77 -13.59
CA ALA A 165 7.99 -14.84 -14.69
C ALA A 165 9.18 -13.89 -14.78
N LYS A 166 9.59 -13.36 -13.63
CA LYS A 166 10.73 -12.44 -13.61
C LYS A 166 12.03 -13.07 -14.09
N VAL A 167 12.39 -14.24 -13.55
CA VAL A 167 13.57 -14.94 -14.04
C VAL A 167 13.54 -15.04 -15.57
N SER A 168 12.38 -15.39 -16.11
CA SER A 168 12.28 -15.44 -17.56
C SER A 168 12.42 -14.05 -18.18
N GLN A 169 12.00 -13.01 -17.47
CA GLN A 169 12.16 -11.66 -17.98
C GLN A 169 13.63 -11.28 -18.13
N LEU A 170 14.46 -11.63 -17.16
CA LEU A 170 15.89 -11.35 -17.27
C LEU A 170 16.51 -12.08 -18.44
N SER A 171 16.12 -13.34 -18.64
CA SER A 171 16.68 -14.15 -19.72
C SER A 171 16.47 -13.46 -21.07
N GLY A 172 15.27 -12.93 -21.30
CA GLY A 172 15.01 -12.20 -22.53
C GLY A 172 15.96 -11.04 -22.76
N GLN A 192 25.75 -23.35 -17.73
CA GLN A 192 24.51 -23.24 -16.98
C GLN A 192 23.32 -23.27 -17.92
N THR A 193 22.20 -23.81 -17.46
CA THR A 193 21.00 -23.88 -18.29
C THR A 193 19.81 -23.26 -17.59
N LEU A 194 19.14 -22.33 -18.26
CA LEU A 194 17.97 -21.70 -17.65
C LEU A 194 16.72 -22.56 -17.78
N SER A 195 16.70 -23.47 -18.75
CA SER A 195 15.50 -24.26 -18.93
C SER A 195 15.34 -25.28 -17.82
N ASP A 196 16.44 -25.66 -17.17
CA ASP A 196 16.34 -26.63 -16.09
C ASP A 196 15.66 -26.01 -14.88
N VAL A 197 16.05 -24.78 -14.54
CA VAL A 197 15.39 -24.13 -13.44
C VAL A 197 14.00 -23.68 -13.82
N MET A 198 13.75 -23.45 -15.12
CA MET A 198 12.39 -23.15 -15.55
C MET A 198 11.45 -24.33 -15.35
N GLU A 199 11.91 -25.53 -15.71
CA GLU A 199 11.07 -26.71 -15.53
C GLU A 199 10.96 -27.08 -14.06
N LYS A 200 12.01 -26.81 -13.30
CA LYS A 200 11.94 -27.08 -11.86
C LYS A 200 10.91 -26.17 -11.20
N LEU A 201 10.90 -24.90 -11.59
CA LEU A 201 9.91 -23.99 -11.02
C LEU A 201 8.52 -24.31 -11.52
N ASP A 202 8.37 -24.87 -12.71
CA ASP A 202 7.05 -25.30 -13.14
C ASP A 202 6.55 -26.49 -12.34
N SER A 203 7.44 -27.43 -12.02
CA SER A 203 7.04 -28.52 -11.14
C SER A 203 6.67 -28.02 -9.77
N LEU A 204 7.41 -27.03 -9.26
CA LEU A 204 7.02 -26.45 -7.99
C LEU A 204 5.69 -25.73 -8.10
N ARG A 205 5.41 -25.16 -9.26
CA ARG A 205 4.16 -24.42 -9.44
C ARG A 205 2.98 -25.35 -9.39
N VAL A 206 3.04 -26.43 -10.16
CA VAL A 206 1.88 -27.30 -10.23
C VAL A 206 1.71 -28.03 -8.90
N THR A 207 2.83 -28.31 -8.21
CA THR A 207 2.69 -29.00 -6.93
C THR A 207 2.06 -28.09 -5.89
N ILE A 208 2.50 -26.84 -5.83
CA ILE A 208 1.93 -25.95 -4.84
C ILE A 208 0.51 -25.59 -5.18
N SER A 209 0.15 -25.62 -6.46
CA SER A 209 -1.24 -25.35 -6.78
C SER A 209 -2.13 -26.49 -6.35
N GLU A 210 -1.66 -27.73 -6.51
CA GLU A 210 -2.49 -28.82 -6.00
C GLU A 210 -2.55 -28.85 -4.49
N VAL A 211 -1.48 -28.47 -3.80
CA VAL A 211 -1.56 -28.53 -2.35
C VAL A 211 -2.45 -27.43 -1.78
N ASN A 212 -2.33 -26.20 -2.29
CA ASN A 212 -3.23 -25.15 -1.83
C ASN A 212 -4.67 -25.46 -2.24
N ALA A 213 -4.84 -26.13 -3.39
CA ALA A 213 -6.16 -26.60 -3.77
C ALA A 213 -6.65 -27.69 -2.83
N GLN A 214 -5.75 -28.46 -2.24
CA GLN A 214 -6.18 -29.43 -1.25
C GLN A 214 -6.53 -28.75 0.06
N PHE A 215 -6.09 -27.51 0.23
CA PHE A 215 -6.32 -26.81 1.47
C PHE A 215 -7.79 -26.43 1.63
N LYS A 216 -8.40 -25.90 0.60
CA LYS A 216 -9.75 -25.38 0.74
C LYS A 216 -10.79 -26.49 0.67
N ASP A 217 -10.35 -27.75 0.67
CA ASP A 217 -11.29 -28.85 0.55
C ASP A 217 -12.12 -29.02 1.82
N GLU A 218 -11.50 -28.75 2.96
CA GLU A 218 -12.05 -28.68 4.31
C GLU A 218 -12.47 -30.06 4.80
N ARG A 219 -12.41 -31.08 3.97
CA ARG A 219 -12.64 -32.44 4.43
C ARG A 219 -11.35 -33.16 4.81
N LEU A 220 -10.21 -32.51 4.59
CA LEU A 220 -8.95 -33.08 5.05
C LEU A 220 -8.04 -32.02 5.65
N THR A 221 -8.46 -30.75 5.66
CA THR A 221 -7.66 -29.64 6.16
C THR A 221 -8.49 -28.90 7.21
N THR A 222 -7.96 -28.81 8.43
CA THR A 222 -8.65 -28.14 9.52
C THR A 222 -7.70 -27.16 10.20
N PHE A 223 -8.26 -26.35 11.10
CA PHE A 223 -7.46 -25.35 11.77
C PHE A 223 -7.97 -25.09 13.18
N VAL A 224 -7.07 -25.18 14.14
CA VAL A 224 -7.32 -24.87 15.54
C VAL A 224 -6.31 -23.82 16.00
N CYS A 225 -6.79 -22.87 16.82
CA CYS A 225 -5.94 -21.84 17.38
C CYS A 225 -5.99 -21.86 18.90
N VAL A 226 -4.93 -21.37 19.51
CA VAL A 226 -4.83 -21.39 20.96
C VAL A 226 -4.66 -19.96 21.45
N CYS A 227 -4.90 -19.77 22.75
CA CYS A 227 -4.84 -18.45 23.36
C CYS A 227 -4.82 -18.63 24.86
N ILE A 228 -4.70 -17.53 25.58
CA ILE A 228 -4.65 -17.57 27.04
C ILE A 228 -5.42 -16.39 27.61
N PRO A 229 -5.93 -16.52 28.81
CA PRO A 229 -6.77 -15.45 29.37
C PRO A 229 -6.00 -14.19 29.73
N GLU A 230 -5.78 -13.36 28.74
CA GLU A 230 -5.46 -11.95 28.95
C GLU A 230 -5.97 -11.19 27.74
N PHE A 231 -5.67 -9.91 27.69
CA PHE A 231 -6.22 -9.07 26.64
C PHE A 231 -5.60 -9.39 25.29
N LEU A 232 -4.30 -9.20 25.16
CA LEU A 232 -3.68 -9.22 23.85
C LEU A 232 -3.76 -10.59 23.19
N SER A 233 -3.71 -11.64 23.99
CA SER A 233 -3.87 -12.96 23.41
C SER A 233 -5.24 -13.09 22.78
N LEU A 234 -6.26 -12.60 23.46
CA LEU A 234 -7.58 -12.63 22.86
C LEU A 234 -7.64 -11.73 21.65
N TYR A 235 -6.83 -10.67 21.66
CA TYR A 235 -6.95 -9.69 20.60
C TYR A 235 -6.44 -10.31 19.32
N GLU A 236 -5.22 -10.83 19.36
CA GLU A 236 -4.70 -11.35 18.12
C GLU A 236 -5.38 -12.65 17.76
N THR A 237 -6.07 -13.26 18.72
CA THR A 237 -6.81 -14.47 18.37
C THR A 237 -7.97 -14.10 17.46
N GLU A 238 -8.72 -13.07 17.83
CA GLU A 238 -9.83 -12.66 16.99
C GLU A 238 -9.32 -12.14 15.65
N ARG A 239 -8.16 -11.49 15.66
CA ARG A 239 -7.61 -11.08 14.37
C ARG A 239 -7.30 -12.27 13.49
N MET A 240 -6.79 -13.35 14.08
CA MET A 240 -6.51 -14.51 13.25
C MET A 240 -7.81 -15.12 12.72
N ILE A 241 -8.86 -15.12 13.55
CA ILE A 241 -10.06 -15.81 13.12
C ILE A 241 -10.66 -15.08 11.92
N GLN A 242 -10.77 -13.76 12.02
CA GLN A 242 -11.34 -13.06 10.89
C GLN A 242 -10.38 -13.07 9.70
N GLU A 243 -9.09 -13.33 9.95
CA GLU A 243 -8.15 -13.47 8.84
C GLU A 243 -8.46 -14.70 8.02
N LEU A 244 -8.68 -15.83 8.71
CA LEU A 244 -9.04 -17.05 8.01
C LEU A 244 -10.46 -16.99 7.47
N ALA A 245 -11.28 -16.13 8.06
CA ALA A 245 -12.58 -15.86 7.49
C ALA A 245 -12.45 -15.18 6.14
N ASN A 246 -11.43 -14.34 5.98
CA ASN A 246 -11.20 -13.72 4.68
C ASN A 246 -10.48 -14.65 3.71
N TYR A 247 -10.26 -15.91 4.05
CA TYR A 247 -9.79 -16.88 3.07
C TYR A 247 -10.73 -18.06 2.89
N GLY A 248 -11.81 -18.13 3.64
CA GLY A 248 -12.78 -19.19 3.41
C GLY A 248 -12.33 -20.51 3.96
N ILE A 249 -11.88 -20.53 5.21
CA ILE A 249 -11.54 -21.75 5.92
C ILE A 249 -12.14 -21.61 7.31
N ASP A 250 -13.02 -22.52 7.68
CA ASP A 250 -13.65 -22.37 8.99
C ASP A 250 -12.85 -23.04 10.08
N THR A 251 -13.40 -22.99 11.29
CA THR A 251 -12.89 -23.72 12.43
C THR A 251 -14.04 -23.94 13.39
N HIS A 252 -13.82 -24.82 14.35
CA HIS A 252 -14.84 -25.03 15.38
C HIS A 252 -14.29 -25.31 16.76
N CYS A 253 -12.98 -25.26 16.98
CA CYS A 253 -12.39 -25.71 18.23
C CYS A 253 -11.29 -24.74 18.65
N ILE A 254 -11.36 -24.28 19.89
CA ILE A 254 -10.39 -23.31 20.40
C ILE A 254 -9.97 -23.71 21.81
N VAL A 255 -8.66 -23.83 22.01
CA VAL A 255 -8.07 -24.26 23.27
C VAL A 255 -7.46 -23.09 24.01
N VAL A 256 -7.61 -23.11 25.33
CA VAL A 256 -6.95 -22.14 26.19
C VAL A 256 -5.98 -22.87 27.11
N ASN A 257 -5.28 -22.14 27.96
CA ASN A 257 -4.19 -22.74 28.71
C ASN A 257 -4.00 -22.06 30.05
N GLN A 258 -3.45 -22.82 31.01
CA GLN A 258 -3.06 -22.31 32.32
C GLN A 258 -4.25 -21.75 33.11
N LEU A 259 -5.42 -22.37 32.96
CA LEU A 259 -6.62 -21.88 33.62
C LEU A 259 -6.60 -22.35 35.06
N LEU A 260 -6.17 -21.48 35.97
CA LEU A 260 -5.98 -21.90 37.34
C LEU A 260 -7.32 -22.01 38.05
N PHE A 261 -7.57 -23.16 38.63
CA PHE A 261 -8.72 -23.47 39.45
C PHE A 261 -8.31 -23.61 40.90
N PRO A 262 -9.13 -23.15 41.84
CA PRO A 262 -8.71 -23.10 43.23
C PRO A 262 -8.61 -24.47 43.85
N LYS A 263 -7.58 -24.63 44.68
CA LYS A 263 -7.42 -25.82 45.48
C LYS A 263 -8.38 -25.74 46.66
N PRO A 264 -9.03 -26.84 47.03
CA PRO A 264 -9.92 -26.79 48.21
C PRO A 264 -9.11 -26.66 49.49
N GLY A 265 -9.45 -25.65 50.27
CA GLY A 265 -8.79 -25.39 51.53
C GLY A 265 -7.58 -24.50 51.39
N SER A 266 -6.57 -24.93 50.65
CA SER A 266 -5.38 -24.11 50.45
C SER A 266 -5.67 -22.94 49.51
N ASP A 267 -4.99 -21.82 49.75
CA ASP A 267 -5.23 -20.60 48.99
C ASP A 267 -4.02 -19.68 49.01
N CYS A 268 -3.67 -19.09 47.87
CA CYS A 268 -2.77 -17.94 47.85
C CYS A 268 -3.60 -16.69 47.57
N GLU A 269 -3.32 -15.61 48.31
CA GLU A 269 -4.19 -14.44 48.21
C GLU A 269 -4.01 -13.71 46.88
N GLN A 270 -2.84 -13.81 46.29
CA GLN A 270 -2.65 -13.25 44.96
C GLN A 270 -3.37 -14.10 43.94
N CYS A 271 -3.34 -15.42 44.16
CA CYS A 271 -3.98 -16.35 43.25
C CYS A 271 -5.49 -16.17 43.24
N THR A 272 -6.07 -15.67 44.33
CA THR A 272 -7.50 -15.45 44.35
C THR A 272 -7.91 -14.37 43.36
N ALA A 273 -7.24 -13.22 43.43
CA ALA A 273 -7.57 -12.14 42.50
C ALA A 273 -7.15 -12.49 41.09
N ARG A 274 -6.09 -13.28 40.95
CA ARG A 274 -5.71 -13.72 39.62
C ARG A 274 -6.79 -14.61 39.03
N ARG A 275 -7.41 -15.44 39.86
CA ARG A 275 -8.52 -16.26 39.39
C ARG A 275 -9.71 -15.39 39.03
N ARG A 276 -9.91 -14.33 39.79
CA ARG A 276 -11.03 -13.43 39.52
C ARG A 276 -10.88 -12.78 38.15
N MET A 277 -9.70 -12.25 37.87
CA MET A 277 -9.51 -11.62 36.57
C MET A 277 -9.55 -12.65 35.46
N GLN A 278 -9.09 -13.86 35.75
CA GLN A 278 -9.11 -14.90 34.74
C GLN A 278 -10.55 -15.27 34.42
N LYS A 279 -11.41 -15.25 35.44
CA LYS A 279 -12.80 -15.54 35.17
C LYS A 279 -13.40 -14.42 34.35
N LYS A 280 -12.88 -13.21 34.53
CA LYS A 280 -13.51 -12.09 33.86
C LYS A 280 -13.35 -12.22 32.37
N TYR A 281 -12.14 -12.52 31.93
CA TYR A 281 -11.98 -12.75 30.51
C TYR A 281 -12.56 -14.09 30.09
N LEU A 282 -12.64 -15.05 31.01
CA LEU A 282 -13.14 -16.34 30.61
C LEU A 282 -14.60 -16.21 30.22
N ASP A 283 -15.36 -15.46 31.02
CA ASP A 283 -16.76 -15.32 30.73
C ASP A 283 -16.95 -14.47 29.50
N GLN A 284 -15.98 -13.59 29.19
CA GLN A 284 -16.14 -12.85 27.95
C GLN A 284 -15.97 -13.76 26.74
N ILE A 285 -15.08 -14.75 26.85
CA ILE A 285 -14.96 -15.66 25.72
C ILE A 285 -16.18 -16.56 25.69
N GLU A 286 -16.80 -16.77 26.85
CA GLU A 286 -18.05 -17.48 26.88
C GLU A 286 -19.12 -16.69 26.18
N GLU A 287 -19.03 -15.36 26.25
CA GLU A 287 -20.02 -14.56 25.56
C GLU A 287 -19.79 -14.54 24.07
N LEU A 288 -18.64 -15.00 23.59
CA LEU A 288 -18.46 -15.03 22.14
C LEU A 288 -18.71 -16.40 21.54
N TYR A 289 -17.96 -17.39 21.97
CA TYR A 289 -17.77 -18.60 21.17
C TYR A 289 -18.67 -19.76 21.57
N ASP A 290 -19.62 -19.55 22.46
CA ASP A 290 -20.41 -20.67 22.95
C ASP A 290 -21.41 -21.16 21.92
N GLU A 291 -21.61 -20.40 20.85
CA GLU A 291 -22.52 -20.76 19.77
C GLU A 291 -22.02 -21.89 18.86
N GLU A 292 -20.87 -21.71 18.21
CA GLU A 292 -20.41 -22.74 17.27
C GLU A 292 -18.92 -23.01 17.37
N PHE A 293 -18.36 -22.99 18.57
CA PHE A 293 -16.97 -23.36 18.72
C PHE A 293 -16.83 -24.16 20.01
N ASN A 294 -15.65 -24.73 20.20
CA ASN A 294 -15.41 -25.55 21.37
C ASN A 294 -14.31 -24.94 22.21
N VAL A 295 -14.47 -25.10 23.52
CA VAL A 295 -13.56 -24.54 24.50
C VAL A 295 -12.90 -25.68 25.25
N VAL A 296 -11.58 -25.66 25.28
CA VAL A 296 -10.82 -26.71 25.94
C VAL A 296 -10.17 -26.11 27.17
N LYS A 297 -10.57 -26.60 28.34
CA LYS A 297 -9.99 -26.16 29.60
C LYS A 297 -8.76 -27.01 29.91
N MET A 298 -7.60 -26.38 30.01
CA MET A 298 -6.38 -27.10 30.34
C MET A 298 -5.63 -26.37 31.46
N PRO A 299 -5.52 -26.96 32.63
CA PRO A 299 -4.84 -26.28 33.73
C PRO A 299 -3.33 -26.44 33.68
N LEU A 300 -2.65 -25.46 34.23
CA LEU A 300 -1.20 -25.52 34.39
C LEU A 300 -0.83 -26.52 35.48
N LEU A 301 0.25 -27.25 35.26
CA LEU A 301 0.75 -28.13 36.30
C LEU A 301 1.98 -27.47 36.92
N VAL A 302 2.53 -28.11 37.96
CA VAL A 302 3.62 -27.47 38.68
C VAL A 302 4.93 -27.54 37.91
N GLU A 303 5.02 -28.45 36.95
CA GLU A 303 6.26 -28.67 36.23
C GLU A 303 6.04 -28.57 34.73
N GLU A 304 7.10 -28.27 34.00
CA GLU A 304 7.06 -28.38 32.55
C GLU A 304 6.92 -29.86 32.20
N VAL A 305 5.75 -30.26 31.70
CA VAL A 305 5.46 -31.69 31.65
C VAL A 305 6.28 -32.32 30.52
N ARG A 306 7.29 -33.11 30.88
CA ARG A 306 8.07 -33.85 29.91
C ARG A 306 7.99 -35.34 30.23
N GLY A 307 8.69 -36.15 29.46
CA GLY A 307 8.59 -37.59 29.65
C GLY A 307 7.35 -38.12 28.96
N LYS A 308 7.40 -39.40 28.58
CA LYS A 308 6.31 -39.92 27.78
C LYS A 308 5.04 -40.06 28.61
N GLU A 309 5.13 -40.70 29.78
CA GLU A 309 3.92 -41.01 30.53
C GLU A 309 3.29 -39.74 31.11
N ARG A 310 4.11 -38.76 31.45
CA ARG A 310 3.57 -37.51 31.95
C ARG A 310 2.86 -36.78 30.82
N LEU A 311 3.39 -36.89 29.61
CA LEU A 311 2.71 -36.25 28.50
C LEU A 311 1.44 -37.01 28.18
N GLU A 312 1.38 -38.29 28.53
CA GLU A 312 0.15 -39.03 28.30
C GLU A 312 -0.94 -38.50 29.21
N LYS A 313 -0.60 -38.30 30.48
CA LYS A 313 -1.58 -37.78 31.41
C LYS A 313 -2.00 -36.37 31.05
N PHE A 314 -1.07 -35.56 30.53
CA PHE A 314 -1.46 -34.23 30.09
C PHE A 314 -2.37 -34.29 28.87
N SER A 315 -2.11 -35.24 27.98
CA SER A 315 -2.90 -35.40 26.78
C SER A 315 -4.27 -36.01 27.04
N GLU A 316 -4.45 -36.64 28.19
CA GLU A 316 -5.71 -37.32 28.42
C GLU A 316 -6.86 -36.33 28.57
N MET A 317 -6.57 -35.13 29.03
CA MET A 317 -7.61 -34.16 29.36
C MET A 317 -8.26 -33.59 28.11
N LEU A 318 -7.68 -33.79 26.93
CA LEU A 318 -8.28 -33.25 25.72
C LEU A 318 -9.49 -34.04 25.28
N ILE A 319 -9.75 -35.17 25.92
CA ILE A 319 -10.95 -35.95 25.71
C ILE A 319 -11.87 -35.89 26.91
N LYS A 320 -11.35 -36.24 28.08
CA LYS A 320 -12.09 -36.10 29.33
C LYS A 320 -11.80 -34.75 29.96
N PRO A 321 -12.74 -33.80 29.90
CA PRO A 321 -12.48 -32.45 30.42
C PRO A 321 -12.60 -32.45 31.94
N PHE A 322 -11.54 -32.00 32.62
CA PHE A 322 -11.64 -31.86 34.06
C PHE A 322 -12.55 -30.68 34.39
N VAL A 323 -13.46 -30.90 35.33
CA VAL A 323 -14.39 -29.85 35.75
C VAL A 323 -14.52 -29.88 37.27
N PRO A 324 -14.05 -28.87 37.97
CA PRO A 324 -14.41 -28.72 39.38
C PRO A 324 -15.78 -28.08 39.51
N PRO A 325 -16.37 -28.09 40.69
CA PRO A 325 -17.63 -27.34 40.88
C PRO A 325 -17.40 -25.85 40.80
N GLU A 326 -17.91 -25.22 39.74
CA GLU A 326 -17.74 -23.78 39.56
C GLU A 326 -19.07 -23.11 39.25
N MET B 1 21.04 1.98 34.52
CA MET B 1 20.92 3.42 34.73
C MET B 1 20.22 3.72 36.05
N GLU B 2 19.84 4.97 36.22
CA GLU B 2 19.10 5.38 37.40
C GLU B 2 17.67 4.84 37.39
N PRO B 3 17.29 4.01 38.35
CA PRO B 3 15.94 3.42 38.38
C PRO B 3 14.91 4.33 39.06
N THR B 4 14.70 5.51 38.47
CA THR B 4 13.68 6.42 38.97
C THR B 4 13.28 7.35 37.83
N LEU B 5 12.48 8.37 38.15
CA LEU B 5 12.06 9.35 37.17
C LEU B 5 12.60 10.73 37.52
N GLN B 6 13.76 10.75 38.17
CA GLN B 6 14.31 11.99 38.69
C GLN B 6 14.63 12.98 37.56
N SER B 7 15.05 12.44 36.41
CA SER B 7 15.35 13.29 35.26
C SER B 7 14.13 14.03 34.71
N ILE B 8 12.91 13.51 34.88
CA ILE B 8 11.78 14.31 34.45
C ILE B 8 11.55 15.48 35.38
N LEU B 9 11.86 15.31 36.66
CA LEU B 9 11.69 16.39 37.62
C LEU B 9 12.73 17.48 37.42
N ASP B 10 13.93 17.09 36.98
CA ASP B 10 15.12 17.92 37.00
C ASP B 10 15.17 18.95 35.87
N GLN B 11 14.50 18.70 34.75
CA GLN B 11 14.55 19.61 33.61
C GLN B 11 13.70 20.86 33.82
N ARG B 12 12.42 20.70 34.13
CA ARG B 12 11.56 21.84 34.46
C ARG B 12 11.22 22.70 33.25
N SER B 13 11.91 22.52 32.14
CA SER B 13 11.54 23.21 30.91
C SER B 13 10.64 22.34 30.05
N LEU B 14 10.33 21.14 30.54
CA LEU B 14 9.39 20.26 29.89
C LEU B 14 7.98 20.81 29.97
N ARG B 15 7.21 20.58 28.92
CA ARG B 15 5.82 21.03 28.93
C ARG B 15 4.87 19.88 28.65
N TRP B 16 5.21 18.97 27.77
CA TRP B 16 4.28 17.95 27.32
C TRP B 16 4.88 16.58 27.60
N ILE B 17 4.04 15.68 28.09
CA ILE B 17 4.45 14.33 28.44
C ILE B 17 3.48 13.34 27.83
N PHE B 18 4.01 12.36 27.10
CA PHE B 18 3.21 11.31 26.49
C PHE B 18 3.58 10.00 27.19
N VAL B 19 2.58 9.24 27.60
CA VAL B 19 2.79 7.96 28.25
C VAL B 19 1.80 6.98 27.69
N GLY B 20 2.28 5.84 27.20
CA GLY B 20 1.34 4.86 26.70
C GLY B 20 1.83 3.42 26.65
N GLY B 21 1.19 2.65 25.76
CA GLY B 21 1.49 1.24 25.57
C GLY B 21 0.27 0.47 25.13
N LYS B 22 -0.10 -0.59 25.85
CA LYS B 22 -1.31 -1.32 25.54
C LYS B 22 -2.14 -1.60 26.78
N GLY B 23 -3.27 -2.26 26.58
CA GLY B 23 -4.20 -2.47 27.67
C GLY B 23 -3.67 -3.49 28.64
N GLY B 24 -4.50 -3.79 29.64
CA GLY B 24 -4.14 -4.82 30.58
C GLY B 24 -2.96 -4.46 31.45
N VAL B 25 -2.58 -3.18 31.49
CA VAL B 25 -1.42 -2.76 32.26
C VAL B 25 -1.77 -1.74 33.32
N GLY B 26 -2.97 -1.19 33.33
CA GLY B 26 -3.30 -0.20 34.32
C GLY B 26 -2.58 1.12 34.15
N LYS B 27 -2.65 1.71 32.96
CA LYS B 27 -1.89 2.93 32.72
C LYS B 27 -2.43 4.07 33.55
N THR B 28 -3.71 4.02 33.91
CA THR B 28 -4.29 5.11 34.70
C THR B 28 -3.63 5.22 36.05
N THR B 29 -3.31 4.09 36.67
CA THR B 29 -2.57 4.14 37.93
C THR B 29 -1.21 4.78 37.74
N THR B 30 -0.55 4.48 36.62
CA THR B 30 0.73 5.10 36.34
C THR B 30 0.58 6.58 36.08
N SER B 31 -0.52 6.97 35.47
CA SER B 31 -0.71 8.36 35.10
C SER B 31 -0.94 9.20 36.33
N CYS B 32 -1.85 8.74 37.19
CA CYS B 32 -2.13 9.49 38.40
C CYS B 32 -0.93 9.51 39.33
N SER B 33 -0.15 8.42 39.36
CA SER B 33 1.07 8.45 40.17
C SER B 33 2.06 9.46 39.62
N LEU B 34 2.14 9.57 38.29
CA LEU B 34 3.03 10.57 37.72
C LEU B 34 2.56 11.96 38.05
N ALA B 35 1.25 12.19 37.97
CA ALA B 35 0.76 13.54 38.16
C ALA B 35 0.94 13.99 39.60
N ILE B 36 0.64 13.10 40.55
CA ILE B 36 0.70 13.49 41.94
C ILE B 36 2.15 13.73 42.36
N GLN B 37 3.07 12.85 41.97
CA GLN B 37 4.45 13.15 42.31
C GLN B 37 5.01 14.33 41.53
N LEU B 38 4.46 14.63 40.36
CA LEU B 38 4.81 15.86 39.67
C LEU B 38 4.34 17.11 40.40
N ALA B 39 3.18 17.04 41.05
CA ALA B 39 2.62 18.22 41.68
C ALA B 39 3.39 18.68 42.92
N LYS B 40 4.32 17.88 43.41
CA LYS B 40 5.08 18.31 44.58
C LYS B 40 6.02 19.45 44.24
N VAL B 41 6.40 19.58 42.97
CA VAL B 41 7.40 20.57 42.58
C VAL B 41 6.88 21.39 41.40
N ARG B 42 5.55 21.45 41.22
CA ARG B 42 5.03 22.17 40.05
C ARG B 42 3.95 23.18 40.42
N ARG B 43 3.47 23.91 39.41
CA ARG B 43 2.60 25.05 39.62
C ARG B 43 1.19 24.84 39.07
N SER B 44 1.08 24.38 37.82
CA SER B 44 -0.21 24.26 37.13
C SER B 44 -0.11 23.05 36.20
N VAL B 45 -0.64 21.91 36.65
CA VAL B 45 -0.53 20.65 35.93
C VAL B 45 -1.92 20.16 35.56
N LEU B 46 -2.09 19.81 34.29
CA LEU B 46 -3.38 19.36 33.77
C LEU B 46 -3.27 17.96 33.20
N LEU B 47 -4.21 17.12 33.59
CA LEU B 47 -4.37 15.77 33.09
C LEU B 47 -5.40 15.78 31.97
N LEU B 48 -5.18 14.95 30.97
CA LEU B 48 -6.18 14.86 29.91
C LEU B 48 -6.33 13.41 29.49
N SER B 49 -7.57 12.94 29.43
CA SER B 49 -7.87 11.57 29.01
C SER B 49 -8.88 11.56 27.88
N THR B 50 -8.73 10.57 27.00
CA THR B 50 -9.65 10.36 25.91
C THR B 50 -10.08 8.91 25.79
N ASP B 51 -9.67 8.05 26.69
CA ASP B 51 -10.11 6.66 26.64
C ASP B 51 -11.57 6.51 27.06
N PRO B 52 -12.33 5.68 26.35
CA PRO B 52 -13.78 5.62 26.59
C PRO B 52 -14.11 5.02 27.94
N ALA B 53 -13.16 4.29 28.53
CA ALA B 53 -13.23 3.90 29.93
C ALA B 53 -13.13 5.16 30.78
N HIS B 54 -14.23 5.50 31.44
CA HIS B 54 -14.30 6.71 32.27
C HIS B 54 -13.68 6.36 33.61
N ASN B 55 -12.34 6.31 33.59
CA ASN B 55 -11.59 5.72 34.68
C ASN B 55 -11.21 6.72 35.76
N LEU B 56 -11.13 8.02 35.47
CA LEU B 56 -10.76 8.94 36.54
C LEU B 56 -11.87 9.06 37.58
N SER B 57 -13.12 8.83 37.18
CA SER B 57 -14.18 8.69 38.15
C SER B 57 -13.89 7.55 39.10
N ASP B 58 -13.38 6.44 38.57
CA ASP B 58 -12.96 5.34 39.43
C ASP B 58 -11.73 5.72 40.23
N ALA B 59 -10.94 6.66 39.72
CA ALA B 59 -9.73 7.08 40.41
C ALA B 59 -10.05 7.94 41.62
N PHE B 60 -11.16 8.66 41.59
CA PHE B 60 -11.43 9.58 42.68
C PHE B 60 -12.87 9.61 43.16
N SER B 61 -13.76 8.77 42.63
CA SER B 61 -15.15 8.70 43.09
C SER B 61 -15.84 10.06 42.99
N GLN B 62 -15.62 10.76 41.88
CA GLN B 62 -16.19 12.08 41.68
C GLN B 62 -16.47 12.26 40.20
N LYS B 63 -17.69 12.63 39.87
CA LYS B 63 -18.07 12.72 38.48
C LYS B 63 -17.47 13.95 37.82
N PHE B 64 -16.93 13.74 36.62
CA PHE B 64 -16.37 14.81 35.80
C PHE B 64 -17.06 14.83 34.46
N GLY B 65 -16.88 15.92 33.73
CA GLY B 65 -17.57 16.08 32.46
C GLY B 65 -16.73 16.80 31.44
N LYS B 66 -17.32 17.77 30.76
CA LYS B 66 -16.64 18.48 29.68
C LYS B 66 -16.04 19.80 30.12
N GLU B 67 -15.65 19.92 31.40
CA GLU B 67 -15.00 21.13 31.87
C GLU B 67 -14.02 20.82 32.97
N ALA B 68 -12.88 21.51 32.95
CA ALA B 68 -11.86 21.31 33.96
C ALA B 68 -12.32 21.87 35.29
N ARG B 69 -11.78 21.30 36.37
CA ARG B 69 -12.01 21.80 37.71
C ARG B 69 -10.92 21.25 38.60
N LEU B 70 -10.90 21.73 39.83
CA LEU B 70 -10.00 21.21 40.85
C LEU B 70 -10.73 20.18 41.67
N VAL B 71 -10.09 19.04 41.92
CA VAL B 71 -10.66 18.00 42.74
C VAL B 71 -10.08 18.12 44.14
N GLU B 72 -10.81 17.57 45.11
CA GLU B 72 -10.48 17.73 46.52
C GLU B 72 -9.15 17.07 46.86
N GLY B 73 -8.56 17.52 47.96
CA GLY B 73 -7.26 17.05 48.41
C GLY B 73 -6.10 17.66 47.69
N PHE B 74 -6.34 18.45 46.64
CA PHE B 74 -5.28 19.04 45.84
C PHE B 74 -5.65 20.47 45.47
N ASP B 75 -4.61 21.25 45.17
CA ASP B 75 -4.76 22.60 44.64
C ASP B 75 -4.37 22.68 43.18
N ASN B 76 -4.01 21.56 42.57
CA ASN B 76 -3.46 21.60 41.22
C ASN B 76 -3.97 20.48 40.32
N LEU B 77 -4.88 19.64 40.78
CA LEU B 77 -5.34 18.51 39.98
C LEU B 77 -6.52 18.96 39.11
N TYR B 78 -6.29 19.06 37.82
CA TYR B 78 -7.31 19.46 36.86
C TYR B 78 -7.34 18.45 35.72
N ALA B 79 -8.54 18.03 35.32
CA ALA B 79 -8.67 17.00 34.30
C ALA B 79 -10.09 17.06 33.74
N MET B 80 -10.24 16.59 32.50
CA MET B 80 -11.57 16.43 31.92
C MET B 80 -11.58 15.31 30.90
N GLU B 81 -12.20 14.19 31.24
CA GLU B 81 -12.26 13.03 30.35
C GLU B 81 -13.29 13.37 29.27
N ILE B 82 -12.83 13.49 28.03
CA ILE B 82 -13.74 13.97 27.00
C ILE B 82 -14.07 12.88 26.01
N ASP B 83 -15.05 13.15 25.15
CA ASP B 83 -15.41 12.21 24.10
C ASP B 83 -15.14 12.82 22.75
N PRO B 84 -14.68 12.05 21.76
CA PRO B 84 -14.63 12.60 20.40
C PRO B 84 -15.98 12.64 19.74
N ASN B 85 -16.96 11.90 20.25
CA ASN B 85 -18.20 11.83 19.51
C ASN B 85 -19.06 13.06 19.71
N GLY B 86 -18.69 13.94 20.63
CA GLY B 86 -19.43 15.17 20.79
C GLY B 86 -19.28 16.05 19.56
N SER B 87 -18.11 16.00 18.93
CA SER B 87 -17.93 16.71 17.69
C SER B 87 -18.78 16.11 16.58
N MET B 88 -18.98 14.80 16.60
CA MET B 88 -19.92 14.19 15.66
C MET B 88 -21.35 14.61 16.00
N GLN B 89 -21.64 14.86 17.28
CA GLN B 89 -22.92 15.44 17.62
C GLN B 89 -23.00 16.86 17.09
N ASP B 90 -21.84 17.52 16.97
CA ASP B 90 -21.76 18.82 16.30
C ASP B 90 -22.01 18.68 14.80
N LEU B 91 -21.72 17.51 14.25
CA LEU B 91 -22.01 17.25 12.84
C LEU B 91 -23.47 16.88 12.62
N LEU B 92 -24.18 16.47 13.67
CA LEU B 92 -25.59 16.17 13.57
C LEU B 92 -26.42 17.36 14.03
N GLY B 107 -25.87 17.50 5.47
CA GLY B 107 -25.57 16.14 5.08
C GLY B 107 -24.30 16.02 4.27
N VAL B 108 -23.84 17.14 3.74
CA VAL B 108 -22.65 17.16 2.90
C VAL B 108 -21.36 16.93 3.69
N MET B 109 -21.29 17.42 4.92
CA MET B 109 -20.09 17.20 5.73
C MET B 109 -19.91 15.74 6.07
N GLN B 110 -21.00 15.00 6.22
CA GLN B 110 -20.90 13.56 6.41
C GLN B 110 -20.46 12.87 5.13
N ASP B 111 -20.82 13.42 3.97
CA ASP B 111 -20.27 12.84 2.76
C ASP B 111 -18.78 13.13 2.68
N LEU B 112 -18.36 14.25 3.26
CA LEU B 112 -16.93 14.52 3.31
C LEU B 112 -16.25 13.51 4.21
N ALA B 113 -16.94 13.11 5.28
CA ALA B 113 -16.37 12.05 6.11
C ALA B 113 -16.36 10.74 5.37
N TYR B 114 -17.17 10.59 4.33
CA TYR B 114 -17.00 9.38 3.54
C TYR B 114 -15.79 9.51 2.65
N ALA B 115 -15.48 10.73 2.22
CA ALA B 115 -14.38 10.90 1.29
C ALA B 115 -13.05 10.61 1.97
N ILE B 116 -12.94 10.96 3.25
CA ILE B 116 -11.77 10.67 4.07
C ILE B 116 -12.29 9.99 5.32
N PRO B 117 -11.83 8.78 5.65
CA PRO B 117 -12.42 8.05 6.77
C PRO B 117 -12.19 8.71 8.12
N GLY B 118 -11.24 9.64 8.23
CA GLY B 118 -11.09 10.29 9.51
C GLY B 118 -11.07 11.79 9.36
N ILE B 119 -12.07 12.47 9.91
CA ILE B 119 -12.05 13.93 9.88
C ILE B 119 -12.28 14.54 11.25
N ASP B 120 -13.40 14.17 11.86
CA ASP B 120 -13.87 14.87 13.03
C ASP B 120 -13.01 14.68 14.27
N GLU B 121 -12.30 13.57 14.37
CA GLU B 121 -11.48 13.36 15.55
C GLU B 121 -10.32 14.34 15.62
N ALA B 122 -9.67 14.60 14.50
CA ALA B 122 -8.60 15.58 14.50
C ALA B 122 -9.09 16.99 14.78
N MET B 123 -10.23 17.40 14.22
CA MET B 123 -10.73 18.73 14.53
C MET B 123 -11.15 18.86 15.99
N SER B 124 -11.72 17.80 16.57
CA SER B 124 -12.03 17.83 17.99
C SER B 124 -10.76 17.95 18.83
N PHE B 125 -9.73 17.16 18.50
CA PHE B 125 -8.49 17.25 19.24
C PHE B 125 -7.87 18.63 19.06
N ALA B 126 -8.10 19.25 17.91
CA ALA B 126 -7.59 20.57 17.64
C ALA B 126 -8.22 21.59 18.56
N GLU B 127 -9.55 21.64 18.58
CA GLU B 127 -10.22 22.66 19.38
C GLU B 127 -9.99 22.41 20.85
N VAL B 128 -9.77 21.15 21.21
CA VAL B 128 -9.38 20.83 22.58
C VAL B 128 -8.06 21.50 22.89
N LEU B 129 -7.10 21.37 21.99
CA LEU B 129 -5.78 21.92 22.28
C LEU B 129 -5.80 23.45 22.24
N LYS B 130 -6.73 24.05 21.49
CA LYS B 130 -6.90 25.50 21.58
C LYS B 130 -7.38 25.89 22.97
N GLN B 131 -8.33 25.13 23.51
CA GLN B 131 -8.77 25.38 24.88
C GLN B 131 -7.63 25.11 25.86
N VAL B 132 -6.74 24.20 25.51
CA VAL B 132 -5.57 23.92 26.33
C VAL B 132 -4.67 25.14 26.37
N ASN B 133 -4.36 25.70 25.21
CA ASN B 133 -3.49 26.86 25.18
C ASN B 133 -4.23 28.14 25.51
N SER B 134 -5.51 28.04 25.86
CA SER B 134 -6.24 29.20 26.34
C SER B 134 -5.71 29.64 27.70
N LEU B 135 -5.44 28.67 28.59
CA LEU B 135 -5.01 29.00 29.93
C LEU B 135 -3.50 29.15 29.96
N SER B 136 -2.94 29.25 31.15
CA SER B 136 -1.50 29.43 31.35
C SER B 136 -0.94 28.30 32.19
N TYR B 137 -1.28 27.06 31.86
CA TYR B 137 -0.89 25.94 32.69
C TYR B 137 0.58 25.58 32.46
N GLU B 138 1.19 25.00 33.49
CA GLU B 138 2.62 24.72 33.45
C GLU B 138 2.93 23.51 32.60
N THR B 139 2.26 22.39 32.86
CA THR B 139 2.55 21.14 32.16
C THR B 139 1.26 20.33 32.03
N ILE B 140 1.26 19.39 31.09
CA ILE B 140 0.11 18.53 30.88
C ILE B 140 0.59 17.09 30.71
N VAL B 141 -0.36 16.16 30.81
CA VAL B 141 -0.08 14.74 30.66
C VAL B 141 -1.23 14.06 29.92
N PHE B 142 -0.96 12.85 29.45
CA PHE B 142 -1.83 12.18 28.52
C PHE B 142 -1.93 10.69 28.81
N ASP B 143 -2.88 10.07 28.11
CA ASP B 143 -3.20 8.66 28.17
C ASP B 143 -4.02 8.42 26.92
N THR B 144 -3.86 7.27 26.30
CA THR B 144 -4.47 7.06 25.01
C THR B 144 -5.02 5.65 24.87
N ALA B 145 -5.72 5.43 23.76
CA ALA B 145 -6.33 4.15 23.40
C ALA B 145 -5.25 3.25 22.81
N PRO B 146 -5.61 2.04 22.35
CA PRO B 146 -4.64 1.26 21.56
C PRO B 146 -3.99 2.04 20.43
N THR B 147 -2.79 1.58 20.01
CA THR B 147 -1.80 2.47 19.40
C THR B 147 -2.18 2.83 17.97
N GLY B 148 -2.73 1.86 17.24
CA GLY B 148 -3.11 2.09 15.86
C GLY B 148 -4.17 3.15 15.78
N HIS B 149 -4.91 3.34 16.86
CA HIS B 149 -5.85 4.45 16.95
C HIS B 149 -5.22 5.70 17.54
N THR B 150 -4.04 5.58 18.16
CA THR B 150 -3.34 6.73 18.74
C THR B 150 -2.57 7.50 17.68
N LEU B 151 -1.57 6.84 17.11
CA LEU B 151 -0.50 7.50 16.40
C LEU B 151 -0.99 8.29 15.20
N ARG B 152 -2.29 8.26 14.92
CA ARG B 152 -2.81 9.06 13.83
C ARG B 152 -2.69 10.55 14.12
N PHE B 153 -2.51 10.92 15.38
CA PHE B 153 -2.35 12.34 15.66
C PHE B 153 -1.09 12.91 15.03
N LEU B 154 -0.07 12.10 14.78
CA LEU B 154 1.02 12.68 14.00
C LEU B 154 0.63 12.83 12.54
N GLN B 155 -0.52 12.31 12.15
CA GLN B 155 -1.01 12.35 10.78
C GLN B 155 -2.11 13.36 10.63
N PHE B 156 -2.63 13.88 11.73
CA PHE B 156 -3.70 14.86 11.67
C PHE B 156 -3.34 16.09 10.84
N PRO B 157 -2.13 16.64 10.88
CA PRO B 157 -1.89 17.81 10.04
C PRO B 157 -2.06 17.50 8.57
N THR B 158 -1.56 16.35 8.13
CA THR B 158 -1.71 16.00 6.73
C THR B 158 -3.16 15.70 6.39
N VAL B 159 -3.88 15.04 7.30
CA VAL B 159 -5.27 14.72 7.01
C VAL B 159 -6.05 16.03 6.87
N LEU B 160 -5.77 16.98 7.76
CA LEU B 160 -6.45 18.26 7.75
C LEU B 160 -6.20 18.95 6.42
N GLU B 161 -4.95 18.92 5.95
CA GLU B 161 -4.64 19.61 4.70
C GLU B 161 -5.38 18.95 3.53
N LYS B 162 -5.35 17.62 3.48
CA LYS B 162 -5.99 16.94 2.37
C LYS B 162 -7.48 17.23 2.37
N ALA B 163 -8.09 17.18 3.56
CA ALA B 163 -9.52 17.42 3.67
C ALA B 163 -9.86 18.83 3.20
N LEU B 164 -9.10 19.83 3.65
CA LEU B 164 -9.42 21.20 3.24
C LEU B 164 -9.29 21.33 1.73
N ALA B 165 -8.26 20.72 1.16
CA ALA B 165 -8.10 20.81 -0.28
C ALA B 165 -9.30 20.20 -0.97
N LYS B 166 -9.72 19.01 -0.52
CA LYS B 166 -10.86 18.34 -1.13
C LYS B 166 -12.16 19.14 -1.02
N VAL B 167 -12.51 19.61 0.19
CA VAL B 167 -13.68 20.47 0.34
C VAL B 167 -13.66 21.59 -0.69
N SER B 168 -12.49 22.22 -0.87
CA SER B 168 -12.40 23.25 -1.89
C SER B 168 -12.56 22.68 -3.29
N GLN B 169 -12.15 21.43 -3.50
CA GLN B 169 -12.33 20.79 -4.80
C GLN B 169 -13.81 20.65 -5.15
N LEU B 170 -14.64 20.23 -4.18
CA LEU B 170 -16.06 20.11 -4.45
C LEU B 170 -16.68 21.46 -4.78
N SER B 171 -16.27 22.50 -4.05
CA SER B 171 -16.82 23.83 -4.28
C SER B 171 -16.63 24.27 -5.73
N GLY B 172 -15.45 24.04 -6.28
CA GLY B 172 -15.19 24.35 -7.68
C GLY B 172 -16.16 23.67 -8.63
N GLN B 192 -25.76 29.16 3.63
CA GLN B 192 -24.51 28.56 4.08
C GLN B 192 -23.32 29.23 3.41
N THR B 193 -22.20 29.30 4.11
CA THR B 193 -21.01 29.91 3.54
C THR B 193 -19.82 28.97 3.60
N LEU B 194 -19.16 28.75 2.47
CA LEU B 194 -18.00 27.87 2.45
C LEU B 194 -16.75 28.57 2.92
N SER B 195 -16.72 29.90 2.86
CA SER B 195 -15.50 30.60 3.26
C SER B 195 -15.32 30.56 4.76
N ASP B 196 -16.42 30.41 5.51
CA ASP B 196 -16.30 30.36 6.96
C ASP B 196 -15.62 29.06 7.39
N VAL B 197 -16.02 27.94 6.79
CA VAL B 197 -15.37 26.70 7.14
C VAL B 197 -13.98 26.64 6.53
N MET B 198 -13.74 27.38 5.43
CA MET B 198 -12.39 27.44 4.89
C MET B 198 -11.44 28.15 5.84
N GLU B 199 -11.87 29.27 6.41
CA GLU B 199 -11.03 29.99 7.35
C GLU B 199 -10.90 29.24 8.67
N LYS B 200 -11.94 28.52 9.05
CA LYS B 200 -11.86 27.73 10.26
C LYS B 200 -10.85 26.62 10.10
N LEU B 201 -10.86 25.96 8.94
CA LEU B 201 -9.88 24.92 8.72
C LEU B 201 -8.48 25.47 8.56
N ASP B 202 -8.34 26.70 8.08
CA ASP B 202 -7.01 27.30 8.05
C ASP B 202 -6.49 27.61 9.45
N SER B 203 -7.37 28.07 10.34
CA SER B 203 -6.94 28.26 11.72
C SER B 203 -6.57 26.93 12.37
N LEU B 204 -7.31 25.88 12.05
CA LEU B 204 -6.93 24.58 12.58
C LEU B 204 -5.62 24.12 11.99
N ARG B 205 -5.34 24.51 10.75
CA ARG B 205 -4.11 24.09 10.08
C ARG B 205 -2.91 24.72 10.74
N VAL B 206 -2.97 26.03 10.93
CA VAL B 206 -1.80 26.70 11.48
C VAL B 206 -1.62 26.31 12.93
N THR B 207 -2.71 26.05 13.64
CA THR B 207 -2.57 25.67 15.04
C THR B 207 -1.94 24.29 15.16
N ILE B 208 -2.40 23.34 14.34
CA ILE B 208 -1.83 22.00 14.45
C ILE B 208 -0.42 21.98 13.92
N SER B 209 -0.07 22.88 13.01
CA SER B 209 1.32 22.89 12.57
C SER B 209 2.23 23.42 13.67
N GLU B 210 1.77 24.42 14.41
CA GLU B 210 2.61 24.86 15.51
C GLU B 210 2.69 23.83 16.63
N VAL B 211 1.62 23.10 16.88
CA VAL B 211 1.70 22.13 17.98
C VAL B 211 2.58 20.93 17.61
N ASN B 212 2.43 20.40 16.40
CA ASN B 212 3.33 19.33 15.99
C ASN B 212 4.77 19.83 15.90
N ALA B 213 4.94 21.09 15.52
CA ALA B 213 6.27 21.69 15.54
C ALA B 213 6.78 21.82 16.98
N GLN B 214 5.89 21.98 17.95
CA GLN B 214 6.35 21.99 19.33
C GLN B 214 6.69 20.61 19.80
N PHE B 215 6.23 19.59 19.08
CA PHE B 215 6.47 18.22 19.48
C PHE B 215 7.93 17.83 19.33
N LYS B 216 8.52 18.15 18.20
CA LYS B 216 9.87 17.68 17.94
C LYS B 216 10.92 18.52 18.63
N ASP B 217 10.50 19.43 19.50
CA ASP B 217 11.46 20.31 20.17
C ASP B 217 12.29 19.56 21.18
N GLU B 218 11.68 18.57 21.83
CA GLU B 218 12.24 17.58 22.76
C GLU B 218 12.68 18.24 24.06
N ARG B 219 12.62 19.56 24.16
CA ARG B 219 12.87 20.22 25.43
C ARG B 219 11.60 20.48 26.21
N LEU B 220 10.45 20.17 25.63
CA LEU B 220 9.19 20.27 26.37
C LEU B 220 8.27 19.09 26.09
N THR B 221 8.68 18.18 25.21
CA THR B 221 7.87 17.02 24.81
C THR B 221 8.69 15.76 25.05
N THR B 222 8.17 14.86 25.87
CA THR B 222 8.86 13.61 26.20
C THR B 222 7.90 12.44 26.03
N PHE B 223 8.45 11.24 26.10
CA PHE B 223 7.63 10.05 25.92
C PHE B 223 8.15 8.88 26.75
N VAL B 224 7.25 8.28 27.52
CA VAL B 224 7.51 7.09 28.31
C VAL B 224 6.50 6.02 27.93
N CYS B 225 6.96 4.78 27.86
CA CYS B 225 6.10 3.65 27.56
C CYS B 225 6.17 2.62 28.68
N VAL B 226 5.10 1.83 28.79
CA VAL B 226 5.00 0.85 29.86
C VAL B 226 4.81 -0.51 29.24
N CYS B 227 5.06 -1.55 30.03
CA CYS B 227 4.98 -2.93 29.58
C CYS B 227 4.98 -3.83 30.78
N ILE B 228 4.85 -5.13 30.55
CA ILE B 228 4.81 -6.10 31.63
C ILE B 228 5.56 -7.35 31.21
N PRO B 229 6.08 -8.09 32.16
CA PRO B 229 6.91 -9.25 31.82
C PRO B 229 6.14 -10.41 31.23
N GLU B 230 5.89 -10.33 29.93
CA GLU B 230 5.56 -11.50 29.12
C GLU B 230 6.05 -11.20 27.71
N PHE B 231 5.73 -12.10 26.79
CA PHE B 231 6.26 -11.98 25.44
C PHE B 231 5.64 -10.82 24.69
N LEU B 232 4.33 -10.86 24.49
CA LEU B 232 3.71 -9.94 23.56
C LEU B 232 3.81 -8.49 24.03
N SER B 233 3.77 -8.28 25.34
CA SER B 233 3.95 -6.92 25.82
C SER B 233 5.32 -6.40 25.45
N LEU B 234 6.33 -7.24 25.58
CA LEU B 234 7.65 -6.80 25.15
C LEU B 234 7.69 -6.62 23.65
N TYR B 235 6.86 -7.38 22.94
CA TYR B 235 6.97 -7.37 21.50
C TYR B 235 6.46 -6.03 21.01
N GLU B 236 5.25 -5.68 21.41
CA GLU B 236 4.72 -4.44 20.88
C GLU B 236 5.42 -3.26 21.50
N THR B 237 6.12 -3.47 22.62
CA THR B 237 6.87 -2.38 23.18
C THR B 237 8.03 -2.02 22.26
N GLU B 238 8.76 -3.03 21.80
CA GLU B 238 9.87 -2.74 20.89
C GLU B 238 9.34 -2.20 19.57
N ARG B 239 8.17 -2.66 19.14
CA ARG B 239 7.61 -2.07 17.93
C ARG B 239 7.31 -0.59 18.12
N MET B 240 6.82 -0.21 19.30
CA MET B 240 6.56 1.20 19.52
C MET B 240 7.86 1.99 19.54
N ILE B 241 8.91 1.42 20.11
CA ILE B 241 10.12 2.21 20.26
C ILE B 241 10.69 2.50 18.90
N GLN B 242 10.79 1.48 18.05
CA GLN B 242 11.34 1.76 16.73
C GLN B 242 10.38 2.58 15.89
N GLU B 243 9.10 2.60 16.27
CA GLU B 243 8.16 3.47 15.58
C GLU B 243 8.48 4.93 15.84
N LEU B 244 8.71 5.28 17.10
CA LEU B 244 9.08 6.63 17.45
C LEU B 244 10.49 6.95 17.00
N ALA B 245 11.31 5.92 16.82
CA ALA B 245 12.61 6.11 16.20
C ALA B 245 12.46 6.55 14.75
N ASN B 246 11.43 6.06 14.07
CA ASN B 246 11.18 6.51 12.71
C ASN B 246 10.46 7.86 12.66
N TYR B 247 10.27 8.54 13.78
CA TYR B 247 9.81 9.91 13.73
C TYR B 247 10.75 10.88 14.41
N GLY B 248 11.85 10.42 14.99
CA GLY B 248 12.82 11.34 15.53
C GLY B 248 12.39 11.92 16.86
N ILE B 249 11.96 11.06 17.78
CA ILE B 249 11.64 11.46 19.15
C ILE B 249 12.23 10.40 20.04
N ASP B 250 13.14 10.79 20.93
CA ASP B 250 13.77 9.79 21.76
C ASP B 250 12.98 9.51 23.02
N THR B 251 13.54 8.64 23.85
CA THR B 251 13.05 8.39 25.19
C THR B 251 14.21 7.87 26.02
N HIS B 252 14.00 7.84 27.33
CA HIS B 252 15.03 7.28 28.20
C HIS B 252 14.50 6.53 29.41
N CYS B 253 13.18 6.37 29.55
CA CYS B 253 12.61 5.83 30.77
C CYS B 253 11.50 4.84 30.41
N ILE B 254 11.57 3.64 30.99
CA ILE B 254 10.59 2.61 30.72
C ILE B 254 10.18 1.91 32.00
N VAL B 255 8.88 1.88 32.26
CA VAL B 255 8.30 1.32 33.47
C VAL B 255 7.68 -0.04 33.21
N VAL B 256 7.82 -0.93 34.18
CA VAL B 256 7.16 -2.23 34.13
C VAL B 256 6.21 -2.33 35.32
N ASN B 257 5.51 -3.44 35.45
CA ASN B 257 4.43 -3.51 36.41
C ASN B 257 4.24 -4.93 36.92
N GLN B 258 3.71 -5.04 38.14
CA GLN B 258 3.32 -6.31 38.73
C GLN B 258 4.49 -7.26 38.92
N LEU B 259 5.67 -6.73 39.21
CA LEU B 259 6.87 -7.54 39.34
C LEU B 259 6.86 -8.20 40.70
N LEU B 260 6.43 -9.45 40.75
CA LEU B 260 6.26 -10.10 42.05
C LEU B 260 7.60 -10.51 42.62
N PHE B 261 7.86 -10.08 43.83
CA PHE B 261 9.04 -10.43 44.62
C PHE B 261 8.63 -11.32 45.77
N PRO B 262 9.46 -12.31 46.12
CA PRO B 262 9.03 -13.31 47.10
C PRO B 262 8.95 -12.74 48.50
N LYS B 263 7.94 -13.20 49.22
CA LYS B 263 7.79 -12.89 50.63
C LYS B 263 8.76 -13.76 51.41
N PRO B 264 9.44 -13.23 52.43
CA PRO B 264 10.32 -14.08 53.24
C PRO B 264 9.51 -15.06 54.08
N GLY B 265 9.85 -16.33 53.94
CA GLY B 265 9.19 -17.38 54.69
C GLY B 265 7.98 -17.93 53.98
N SER B 266 6.95 -17.09 53.76
CA SER B 266 5.75 -17.54 53.06
C SER B 266 6.03 -17.73 51.57
N ASP B 267 5.33 -18.70 50.98
CA ASP B 267 5.56 -19.07 49.58
C ASP B 267 4.32 -19.73 48.99
N CYS B 268 3.97 -19.38 47.75
CA CYS B 268 3.06 -20.20 46.96
C CYS B 268 3.86 -20.91 45.89
N GLU B 269 3.57 -22.19 45.67
CA GLU B 269 4.42 -22.98 44.79
C GLU B 269 4.23 -22.60 43.33
N GLN B 270 3.06 -22.10 42.97
CA GLN B 270 2.86 -21.60 41.63
C GLN B 270 3.58 -20.27 41.47
N CYS B 271 3.57 -19.47 42.55
CA CYS B 271 4.21 -18.18 42.52
C CYS B 271 5.72 -18.30 42.37
N THR B 272 6.29 -19.42 42.80
CA THR B 272 7.73 -19.60 42.65
C THR B 272 8.11 -19.71 41.18
N ALA B 273 7.44 -20.57 40.44
CA ALA B 273 7.74 -20.72 39.02
C ALA B 273 7.32 -19.49 38.25
N ARG B 274 6.26 -18.82 38.71
CA ARG B 274 5.89 -17.58 38.05
C ARG B 274 6.98 -16.54 38.22
N ARG B 275 7.61 -16.51 39.39
CA ARG B 275 8.74 -15.60 39.61
C ARG B 275 9.90 -15.99 38.74
N ARG B 276 10.10 -17.28 38.54
CA ARG B 276 11.21 -17.75 37.71
C ARG B 276 11.04 -17.28 36.27
N MET B 277 9.84 -17.45 35.71
CA MET B 277 9.65 -17.02 34.35
C MET B 277 9.70 -15.50 34.25
N GLN B 278 9.24 -14.83 35.32
CA GLN B 278 9.27 -13.38 35.29
C GLN B 278 10.72 -12.90 35.30
N LYS B 279 11.58 -13.63 36.01
CA LYS B 279 12.98 -13.23 36.00
C LYS B 279 13.55 -13.48 34.62
N LYS B 280 13.02 -14.47 33.93
CA LYS B 280 13.63 -14.84 32.66
C LYS B 280 13.48 -13.70 31.67
N TYR B 281 12.26 -13.18 31.57
CA TYR B 281 12.09 -12.02 30.70
C TYR B 281 12.68 -10.77 31.33
N LEU B 282 12.79 -10.72 32.64
CA LEU B 282 13.31 -9.51 33.24
C LEU B 282 14.76 -9.35 32.85
N ASP B 283 15.51 -10.45 32.91
CA ASP B 283 16.91 -10.35 32.58
C ASP B 283 17.08 -10.11 31.09
N GLN B 284 16.10 -10.53 30.29
CA GLN B 284 16.24 -10.21 28.87
C GLN B 284 16.07 -8.72 28.63
N ILE B 285 15.20 -8.08 29.40
CA ILE B 285 15.10 -6.64 29.22
C ILE B 285 16.32 -5.97 29.80
N GLU B 286 16.94 -6.62 30.77
CA GLU B 286 18.21 -6.13 31.27
C GLU B 286 19.26 -6.24 30.20
N GLU B 287 19.15 -7.24 29.34
CA GLU B 287 20.13 -7.35 28.26
C GLU B 287 19.89 -6.33 27.18
N LEU B 288 18.75 -5.66 27.17
CA LEU B 288 18.56 -4.64 26.15
C LEU B 288 18.83 -3.23 26.65
N TYR B 289 18.09 -2.80 27.66
CA TYR B 289 17.91 -1.38 27.91
C TYR B 289 18.83 -0.82 28.99
N ASP B 290 19.78 -1.60 29.47
CA ASP B 290 20.58 -1.13 30.59
C ASP B 290 21.60 -0.07 30.17
N GLU B 291 21.77 0.12 28.87
CA GLU B 291 22.68 1.12 28.34
C GLU B 291 22.19 2.56 28.45
N GLU B 292 21.04 2.89 27.88
CA GLU B 292 20.58 4.28 27.92
C GLU B 292 19.10 4.41 28.19
N PHE B 293 18.54 3.59 29.05
CA PHE B 293 17.15 3.75 29.45
C PHE B 293 17.03 3.44 30.93
N ASN B 294 15.87 3.74 31.48
CA ASN B 294 15.65 3.52 32.89
C ASN B 294 14.54 2.51 33.09
N VAL B 295 14.70 1.72 34.14
CA VAL B 295 13.80 0.63 34.49
C VAL B 295 13.15 0.95 35.81
N VAL B 296 11.82 0.92 35.84
CA VAL B 296 11.09 1.23 37.06
C VAL B 296 10.45 -0.05 37.54
N LYS B 297 10.86 -0.51 38.71
CA LYS B 297 10.27 -1.69 39.33
C LYS B 297 9.07 -1.27 40.16
N MET B 298 7.90 -1.80 39.82
CA MET B 298 6.68 -1.51 40.58
C MET B 298 5.94 -2.79 40.89
N PRO B 299 5.84 -3.18 42.14
CA PRO B 299 5.15 -4.42 42.48
C PRO B 299 3.65 -4.26 42.57
N LEU B 300 2.96 -5.35 42.31
CA LEU B 300 1.52 -5.41 42.48
C LEU B 300 1.16 -5.44 43.96
N LEU B 301 0.08 -4.74 44.32
CA LEU B 301 -0.39 -4.83 45.69
C LEU B 301 -1.63 -5.72 45.70
N VAL B 302 -2.17 -5.97 46.90
CA VAL B 302 -3.26 -6.93 46.99
C VAL B 302 -4.58 -6.33 46.50
N GLU B 303 -4.66 -5.01 46.43
CA GLU B 303 -5.91 -4.35 46.08
C GLU B 303 -5.68 -3.39 44.92
N GLU B 304 -6.75 -3.10 44.20
CA GLU B 304 -6.72 -2.01 43.23
C GLU B 304 -6.56 -0.71 43.99
N VAL B 305 -5.39 -0.08 43.89
CA VAL B 305 -5.08 0.99 44.84
C VAL B 305 -5.90 2.23 44.48
N ARG B 306 -6.89 2.56 45.29
CA ARG B 306 -7.67 3.78 45.11
C ARG B 306 -7.56 4.63 46.36
N GLY B 307 -8.26 5.75 46.39
CA GLY B 307 -8.14 6.65 47.50
C GLY B 307 -6.91 7.51 47.36
N LYS B 308 -6.93 8.69 47.96
CA LYS B 308 -5.84 9.62 47.73
C LYS B 308 -4.56 9.15 48.42
N GLU B 309 -4.64 8.80 49.70
CA GLU B 309 -3.42 8.49 50.44
C GLU B 309 -2.81 7.18 49.98
N ARG B 310 -3.64 6.23 49.57
CA ARG B 310 -3.10 4.98 49.05
C ARG B 310 -2.42 5.22 47.73
N LEU B 311 -2.95 6.16 46.93
CA LEU B 311 -2.29 6.45 45.68
C LEU B 311 -1.01 7.21 45.95
N GLU B 312 -0.93 7.88 47.09
CA GLU B 312 0.31 8.58 47.42
C GLU B 312 1.39 7.57 47.70
N LYS B 313 1.06 6.55 48.47
CA LYS B 313 2.04 5.52 48.78
C LYS B 313 2.43 4.73 47.53
N PHE B 314 1.50 4.52 46.61
CA PHE B 314 1.87 3.86 45.37
C PHE B 314 2.77 4.74 44.52
N SER B 315 2.52 6.05 44.54
CA SER B 315 3.31 6.99 43.77
C SER B 315 4.68 7.24 44.35
N GLU B 316 4.87 6.90 45.62
CA GLU B 316 6.15 7.23 46.25
C GLU B 316 7.28 6.40 45.65
N MET B 317 6.97 5.21 45.17
CA MET B 317 8.01 4.29 44.71
C MET B 317 8.65 4.72 43.41
N LEU B 318 8.06 5.68 42.71
CA LEU B 318 8.64 6.13 41.45
C LEU B 318 9.87 6.99 41.66
N ILE B 319 10.14 7.37 42.90
CA ILE B 319 11.35 8.08 43.26
C ILE B 319 12.28 7.20 44.08
N LYS B 320 11.77 6.64 45.17
CA LYS B 320 12.51 5.68 45.97
C LYS B 320 12.22 4.26 45.50
N PRO B 321 13.14 3.61 44.78
CA PRO B 321 12.85 2.28 44.24
C PRO B 321 12.99 1.23 45.33
N PHE B 322 11.93 0.45 45.53
CA PHE B 322 12.03 -0.66 46.47
C PHE B 322 12.92 -1.74 45.89
N VAL B 323 13.84 -2.24 46.71
CA VAL B 323 14.76 -3.29 46.28
C VAL B 323 14.90 -4.31 47.39
N PRO B 324 14.42 -5.54 47.21
CA PRO B 324 14.79 -6.62 48.12
C PRO B 324 16.16 -7.17 47.75
N PRO B 325 16.75 -7.99 48.60
CA PRO B 325 18.00 -8.66 48.21
C PRO B 325 17.75 -9.68 47.12
N GLU B 326 18.24 -9.41 45.91
CA GLU B 326 18.05 -10.33 44.80
C GLU B 326 19.36 -10.62 44.09
N VAL C 118 8.54 12.26 -26.52
CA VAL C 118 7.12 12.49 -26.74
C VAL C 118 6.68 13.76 -26.03
N GLU C 119 7.14 13.96 -24.79
CA GLU C 119 6.73 15.13 -24.03
C GLU C 119 7.42 16.41 -24.50
N GLN C 120 8.60 16.29 -25.10
CA GLN C 120 9.45 17.42 -25.46
C GLN C 120 9.75 18.29 -24.25
N ALA C 121 9.71 17.70 -23.05
CA ALA C 121 10.10 18.41 -21.84
C ALA C 121 11.21 17.73 -21.08
N ILE C 122 11.18 16.41 -20.94
CA ILE C 122 12.35 15.71 -20.41
C ILE C 122 13.47 15.76 -21.43
N GLU C 123 13.13 15.78 -22.71
CA GLU C 123 14.14 16.03 -23.74
C GLU C 123 14.71 17.42 -23.62
N LEU C 124 13.88 18.39 -23.19
CA LEU C 124 14.37 19.72 -22.85
C LEU C 124 15.05 19.75 -21.49
N ALA C 125 14.70 18.82 -20.60
CA ALA C 125 15.40 18.73 -19.32
C ALA C 125 16.81 18.20 -19.51
N LEU C 126 17.03 17.41 -20.56
CA LEU C 126 18.37 16.96 -20.91
C LEU C 126 19.04 17.80 -21.99
N GLU C 127 18.31 18.72 -22.62
CA GLU C 127 18.94 19.66 -23.55
C GLU C 127 19.81 20.67 -22.83
N PHE C 128 19.63 20.81 -21.51
CA PHE C 128 20.44 21.72 -20.70
C PHE C 128 21.86 21.17 -20.47
N PHE C 129 22.06 19.87 -20.66
CA PHE C 129 23.36 19.23 -20.46
C PHE C 129 24.38 19.65 -21.52
N PRO C 130 24.01 19.83 -22.78
CA PRO C 130 24.91 20.53 -23.70
C PRO C 130 24.76 22.04 -23.52
N ALA C 131 25.53 22.79 -24.32
CA ALA C 131 25.46 24.24 -24.27
C ALA C 131 24.35 24.78 -25.17
N GLY C 153 4.33 41.44 -36.65
CA GLY C 153 3.58 41.04 -37.82
C GLY C 153 2.19 40.55 -37.48
N MET C 154 2.08 39.83 -36.38
CA MET C 154 0.79 39.31 -35.94
C MET C 154 -0.07 40.41 -35.31
N THR C 155 0.53 41.43 -34.70
CA THR C 155 -0.25 42.53 -34.16
C THR C 155 -0.85 43.38 -35.27
N LEU C 156 -0.07 43.70 -36.31
CA LEU C 156 -0.66 44.42 -37.43
C LEU C 156 -1.58 43.52 -38.23
N TRP C 157 -1.40 42.21 -38.10
CA TRP C 157 -2.34 41.28 -38.70
C TRP C 157 -3.68 41.34 -37.99
N ARG C 158 -3.68 41.40 -36.66
CA ARG C 158 -4.95 41.54 -35.97
C ARG C 158 -5.55 42.93 -36.18
N ASP C 159 -4.71 43.93 -36.44
CA ASP C 159 -5.29 45.25 -36.72
C ASP C 159 -5.96 45.29 -38.10
N VAL C 160 -5.41 44.57 -39.07
CA VAL C 160 -6.12 44.54 -40.35
C VAL C 160 -7.33 43.62 -40.28
N MET C 161 -7.31 42.60 -39.41
CA MET C 161 -8.55 41.85 -39.27
C MET C 161 -9.59 42.66 -38.53
N LEU C 162 -9.14 43.64 -37.73
CA LEU C 162 -10.08 44.54 -37.08
C LEU C 162 -10.70 45.46 -38.12
N ALA C 163 -9.90 45.88 -39.11
CA ALA C 163 -10.45 46.79 -40.09
C ALA C 163 -11.41 46.06 -41.02
N LEU C 164 -11.11 44.80 -41.34
CA LEU C 164 -12.04 44.07 -42.19
C LEU C 164 -13.30 43.69 -41.41
N PHE C 165 -13.21 43.51 -40.10
CA PHE C 165 -14.42 43.29 -39.31
C PHE C 165 -15.24 44.57 -39.20
N VAL C 166 -14.59 45.73 -39.21
CA VAL C 166 -15.34 46.99 -39.22
C VAL C 166 -16.11 47.11 -40.53
N LEU C 167 -15.46 46.82 -41.65
CA LEU C 167 -16.17 46.94 -42.92
C LEU C 167 -17.21 45.83 -43.10
N GLY C 168 -17.00 44.67 -42.47
CA GLY C 168 -18.04 43.65 -42.49
C GLY C 168 -19.21 44.01 -41.62
N ALA C 169 -18.99 44.76 -40.54
CA ALA C 169 -20.13 45.14 -39.71
C ALA C 169 -20.87 46.30 -40.34
N VAL C 170 -20.17 47.16 -41.09
CA VAL C 170 -20.85 48.26 -41.74
C VAL C 170 -21.65 47.75 -42.94
N ALA C 171 -21.18 46.68 -43.57
CA ALA C 171 -21.83 46.20 -44.80
C ALA C 171 -23.20 45.57 -44.55
N TRP C 172 -23.57 45.29 -43.31
CA TRP C 172 -24.88 44.67 -43.05
C TRP C 172 -26.00 45.68 -42.91
N TRP C 173 -25.71 46.88 -42.40
CA TRP C 173 -26.79 47.85 -42.18
C TRP C 173 -27.35 48.37 -43.50
N ARG C 174 -26.47 48.69 -44.45
CA ARG C 174 -26.94 49.18 -45.74
C ARG C 174 -27.45 48.06 -46.63
N ALA C 175 -27.22 46.80 -46.26
CA ALA C 175 -27.70 45.66 -47.03
C ALA C 175 -28.94 45.05 -46.37
N MET C 191 -27.70 36.98 -45.13
CA MET C 191 -28.66 37.31 -44.08
C MET C 191 -28.74 36.20 -43.05
N SER C 192 -29.18 35.01 -43.48
CA SER C 192 -29.35 33.91 -42.54
C SER C 192 -28.00 33.35 -42.10
N LEU C 193 -27.01 33.38 -42.99
CA LEU C 193 -25.71 32.85 -42.64
C LEU C 193 -25.01 33.73 -41.61
N LEU C 194 -25.29 35.04 -41.61
CA LEU C 194 -24.76 35.87 -40.54
C LEU C 194 -25.33 35.45 -39.19
N LEU C 195 -26.59 35.03 -39.12
CA LEU C 195 -27.08 34.53 -37.84
C LEU C 195 -26.50 33.16 -37.52
N VAL C 196 -26.13 32.38 -38.54
CA VAL C 196 -25.43 31.13 -38.24
C VAL C 196 -24.07 31.44 -37.62
N ILE C 197 -23.39 32.49 -38.10
CA ILE C 197 -22.14 32.84 -37.47
C ILE C 197 -22.43 33.40 -36.09
N PHE C 198 -23.63 33.95 -35.90
CA PHE C 198 -23.92 34.59 -34.63
C PHE C 198 -24.07 33.53 -33.55
N LEU C 199 -24.70 32.40 -33.88
CA LEU C 199 -24.75 31.30 -32.92
C LEU C 199 -23.40 30.64 -32.77
N LEU C 200 -22.59 30.55 -33.84
CA LEU C 200 -21.30 29.91 -33.61
C LEU C 200 -20.41 30.78 -32.75
N GLU C 201 -20.69 32.08 -32.68
CA GLU C 201 -19.92 32.94 -31.78
C GLU C 201 -20.23 32.61 -30.33
N LEU C 202 -21.50 32.34 -29.99
CA LEU C 202 -21.77 31.97 -28.60
C LEU C 202 -21.28 30.56 -28.30
N VAL C 203 -21.20 29.71 -29.33
CA VAL C 203 -20.60 28.40 -29.10
C VAL C 203 -19.11 28.55 -28.79
N VAL C 204 -18.41 29.39 -29.55
CA VAL C 204 -16.99 29.58 -29.24
C VAL C 204 -16.84 30.30 -27.91
N GLN C 205 -17.79 31.16 -27.55
CA GLN C 205 -17.76 31.80 -26.24
C GLN C 205 -17.84 30.78 -25.11
N LEU C 206 -18.78 29.84 -25.19
CA LEU C 206 -18.86 28.81 -24.17
C LEU C 206 -17.63 27.93 -24.22
N VAL C 207 -17.02 27.79 -25.40
CA VAL C 207 -15.72 27.12 -25.49
C VAL C 207 -14.69 27.89 -24.69
N ASN C 208 -14.78 29.22 -24.69
CA ASN C 208 -13.90 30.02 -23.86
C ASN C 208 -14.30 29.93 -22.39
N THR C 209 -15.53 30.32 -22.08
CA THR C 209 -16.00 30.23 -20.70
C THR C 209 -16.46 28.81 -20.44
N ILE C 210 -15.60 27.87 -20.78
CA ILE C 210 -15.84 26.45 -20.53
C ILE C 210 -15.47 26.11 -19.09
N GLY C 211 -16.41 25.47 -18.39
CA GLY C 211 -15.97 24.66 -17.27
C GLY C 211 -16.13 23.22 -17.72
N ALA C 212 -15.02 22.57 -18.06
CA ALA C 212 -15.08 21.20 -18.56
C ALA C 212 -15.59 20.23 -17.51
N LYS C 213 -15.43 20.59 -16.23
CA LYS C 213 -16.15 19.92 -15.17
C LYS C 213 -17.53 20.53 -14.95
N THR C 214 -17.64 21.85 -15.07
CA THR C 214 -18.90 22.49 -14.71
C THR C 214 -19.98 22.24 -15.74
N ILE C 215 -19.59 21.91 -16.97
CA ILE C 215 -20.57 21.33 -17.89
C ILE C 215 -21.09 20.03 -17.31
N ASN C 216 -20.20 19.22 -16.73
CA ASN C 216 -20.72 18.05 -16.09
C ASN C 216 -21.36 18.37 -14.76
N ASN C 217 -21.12 19.55 -14.20
CA ASN C 217 -21.92 19.95 -13.07
C ASN C 217 -23.35 20.27 -13.48
N LEU C 218 -23.54 20.73 -14.73
CA LEU C 218 -24.89 20.82 -15.26
C LEU C 218 -25.44 19.43 -15.55
N LEU C 219 -24.55 18.50 -15.89
CA LEU C 219 -25.02 17.15 -16.18
C LEU C 219 -25.40 16.44 -14.90
N TRP C 220 -24.89 16.93 -13.78
CA TRP C 220 -25.23 16.35 -12.49
C TRP C 220 -26.69 16.59 -12.16
N ARG C 221 -27.13 17.85 -12.20
CA ARG C 221 -28.55 18.10 -12.05
C ARG C 221 -29.36 17.60 -13.23
N PHE C 222 -28.71 17.39 -14.39
CA PHE C 222 -29.41 16.69 -15.46
C PHE C 222 -29.79 15.30 -15.03
N TYR C 223 -28.91 14.64 -14.26
CA TYR C 223 -29.21 13.30 -13.81
C TYR C 223 -29.59 13.26 -12.33
N LEU C 224 -29.67 14.43 -11.69
CA LEU C 224 -30.40 14.58 -10.45
C LEU C 224 -31.87 14.91 -10.72
N SER C 225 -32.30 14.80 -11.98
CA SER C 225 -33.63 15.18 -12.40
C SER C 225 -34.51 13.97 -12.68
N ILE C 226 -34.01 13.03 -13.47
CA ILE C 226 -34.84 11.94 -13.99
C ILE C 226 -35.06 10.97 -12.83
N PRO C 227 -36.31 10.73 -12.43
CA PRO C 227 -36.57 9.70 -11.42
C PRO C 227 -36.48 8.27 -11.92
N GLY C 228 -36.58 8.05 -13.23
CA GLY C 228 -36.42 6.72 -13.73
C GLY C 228 -35.00 6.29 -13.95
N SER C 229 -34.03 7.07 -13.44
CA SER C 229 -32.63 6.73 -13.57
C SER C 229 -32.25 5.60 -12.61
N PRO C 230 -31.58 4.56 -13.11
CA PRO C 230 -31.11 3.51 -12.20
C PRO C 230 -29.98 3.99 -11.31
N LEU C 231 -29.07 4.79 -11.88
CA LEU C 231 -27.89 5.16 -11.11
C LEU C 231 -28.23 6.13 -10.00
N ALA C 232 -29.12 7.10 -10.22
CA ALA C 232 -29.39 7.98 -9.10
C ALA C 232 -30.14 7.25 -7.98
N LYS C 233 -30.87 6.21 -8.35
CA LYS C 233 -31.47 5.32 -7.35
C LYS C 233 -30.40 4.65 -6.50
N ASP C 234 -29.38 4.09 -7.15
CA ASP C 234 -28.33 3.46 -6.34
C ASP C 234 -27.50 4.51 -5.62
N PHE C 235 -27.46 5.73 -6.12
CA PHE C 235 -26.80 6.81 -5.39
C PHE C 235 -27.53 7.09 -4.09
N ALA C 236 -28.86 7.04 -4.11
CA ALA C 236 -29.59 7.22 -2.87
C ALA C 236 -29.42 6.02 -1.96
N GLU C 237 -29.32 4.83 -2.54
CA GLU C 237 -29.10 3.67 -1.69
C GLU C 237 -27.69 3.69 -1.10
N GLN C 238 -26.76 4.28 -1.83
CA GLN C 238 -25.41 4.47 -1.33
C GLN C 238 -25.40 5.40 -0.14
N ARG C 239 -26.09 6.52 -0.24
CA ARG C 239 -26.09 7.41 0.91
C ARG C 239 -26.82 6.77 2.08
N ALA C 240 -27.85 5.95 1.81
CA ALA C 240 -28.53 5.31 2.92
C ALA C 240 -27.62 4.32 3.63
N LYS C 241 -26.86 3.53 2.88
CA LYS C 241 -25.91 2.63 3.53
C LYS C 241 -24.82 3.41 4.23
N GLN C 242 -24.45 4.56 3.70
CA GLN C 242 -23.45 5.39 4.38
C GLN C 242 -23.97 5.91 5.71
N LYS C 243 -25.25 6.27 5.75
CA LYS C 243 -25.83 6.71 7.02
C LYS C 243 -25.86 5.58 8.03
N GLU C 244 -26.22 4.36 7.60
CA GLU C 244 -26.18 3.30 8.59
C GLU C 244 -24.76 3.00 8.99
N TYR C 245 -23.82 3.24 8.08
CA TYR C 245 -22.40 3.04 8.34
C TYR C 245 -21.93 3.95 9.46
N LEU C 246 -22.16 5.25 9.30
CA LEU C 246 -21.69 6.18 10.30
C LEU C 246 -22.41 5.97 11.61
N GLN C 247 -23.64 5.45 11.54
CA GLN C 247 -24.36 5.20 12.78
C GLN C 247 -23.66 4.11 13.58
N VAL C 248 -23.34 3.00 12.94
CA VAL C 248 -22.69 1.96 13.73
C VAL C 248 -21.28 2.40 14.11
N ARG C 249 -20.64 3.24 13.30
CA ARG C 249 -19.33 3.70 13.71
C ARG C 249 -19.38 4.57 14.96
N HIS C 250 -20.43 5.38 15.09
CA HIS C 250 -20.60 6.09 16.35
C HIS C 250 -20.84 5.12 17.48
N ASP C 251 -21.61 4.06 17.23
CA ASP C 251 -21.86 3.16 18.34
C ASP C 251 -20.61 2.36 18.68
N LEU C 252 -19.70 2.24 17.72
CA LEU C 252 -18.44 1.54 17.94
C LEU C 252 -17.52 2.39 18.80
N ASN C 253 -17.22 3.59 18.35
CA ASN C 253 -16.27 4.40 19.08
C ASN C 253 -16.83 4.79 20.43
N ALA C 254 -18.16 4.81 20.56
CA ALA C 254 -18.72 5.06 21.89
C ALA C 254 -18.52 3.86 22.79
N THR C 255 -18.43 2.66 22.24
CA THR C 255 -18.32 1.53 23.13
C THR C 255 -16.92 1.42 23.72
N SER C 256 -16.80 0.51 24.67
CA SER C 256 -15.58 0.24 25.42
C SER C 256 -15.08 -1.13 25.02
N SER C 257 -13.75 -1.29 25.00
CA SER C 257 -13.13 -2.55 24.59
C SER C 257 -12.96 -3.50 25.74
N GLN C 258 -13.53 -3.20 26.90
CA GLN C 258 -13.36 -4.04 28.06
C GLN C 258 -14.55 -4.96 28.29
N ASP C 259 -15.73 -4.38 28.46
CA ASP C 259 -16.82 -5.14 29.03
C ASP C 259 -17.92 -5.46 28.03
N GLU C 260 -17.73 -5.10 26.77
CA GLU C 260 -18.61 -5.55 25.70
C GLU C 260 -17.77 -6.09 24.57
N PHE C 261 -16.78 -6.91 24.95
CA PHE C 261 -15.82 -7.36 23.95
C PHE C 261 -16.49 -8.21 22.89
N ALA C 262 -17.53 -8.93 23.28
CA ALA C 262 -18.33 -9.64 22.29
C ALA C 262 -19.13 -8.66 21.45
N LYS C 263 -19.71 -7.65 22.10
CA LYS C 263 -20.40 -6.64 21.35
C LYS C 263 -19.39 -5.83 20.57
N TRP C 264 -18.18 -5.73 21.11
CA TRP C 264 -17.08 -5.10 20.41
C TRP C 264 -16.85 -5.79 19.08
N ALA C 265 -16.76 -7.11 19.10
CA ALA C 265 -16.46 -7.81 17.88
C ALA C 265 -17.64 -7.79 16.92
N ARG C 266 -18.87 -7.86 17.42
CA ARG C 266 -19.98 -7.81 16.49
C ARG C 266 -20.05 -6.46 15.79
N LEU C 267 -19.73 -5.39 16.52
CA LEU C 267 -19.64 -4.09 15.87
C LEU C 267 -18.49 -4.06 14.89
N GLN C 268 -17.36 -4.63 15.24
CA GLN C 268 -16.21 -4.55 14.35
C GLN C 268 -16.47 -5.31 13.07
N ARG C 269 -17.15 -6.44 13.20
CA ARG C 269 -17.51 -7.24 12.04
C ARG C 269 -18.49 -6.51 11.14
N LYS C 270 -19.49 -5.86 11.70
CA LYS C 270 -20.35 -5.09 10.82
C LYS C 270 -19.61 -3.91 10.20
N HIS C 271 -18.63 -3.38 10.92
CA HIS C 271 -17.86 -2.24 10.43
C HIS C 271 -17.11 -2.62 9.16
N ASP C 272 -16.27 -3.63 9.25
CA ASP C 272 -15.56 -4.00 8.04
C ASP C 272 -16.46 -4.75 7.07
N LYS C 273 -17.65 -5.15 7.50
CA LYS C 273 -18.63 -5.66 6.57
C LYS C 273 -19.03 -4.59 5.58
N LEU C 274 -19.45 -3.45 6.07
CA LEU C 274 -19.91 -2.42 5.15
C LEU C 274 -18.76 -1.66 4.51
N MET C 275 -17.61 -1.65 5.16
CA MET C 275 -16.49 -0.88 4.63
C MET C 275 -16.05 -1.37 3.27
N ASP C 276 -16.12 -2.68 3.02
CA ASP C 276 -15.78 -3.18 1.71
C ASP C 276 -16.83 -2.84 0.66
N GLU C 277 -18.12 -2.93 0.98
CA GLU C 277 -19.10 -2.59 -0.05
C GLU C 277 -19.15 -1.10 -0.32
N LEU C 278 -18.51 -0.27 0.51
CA LEU C 278 -18.57 1.15 0.27
C LEU C 278 -17.93 1.53 -1.06
N GLU C 279 -16.65 1.23 -1.23
CA GLU C 279 -15.97 1.68 -2.45
C GLU C 279 -16.29 0.87 -3.69
N LYS C 280 -17.07 -0.20 -3.56
CA LYS C 280 -17.55 -0.88 -4.76
C LYS C 280 -18.46 0.04 -5.57
N LYS C 281 -19.32 0.78 -4.89
CA LYS C 281 -20.14 1.77 -5.58
C LYS C 281 -19.31 2.94 -6.08
N LYS C 282 -18.25 3.32 -5.37
CA LYS C 282 -17.37 4.36 -5.87
C LYS C 282 -16.68 3.93 -7.15
N SER C 283 -16.35 2.65 -7.27
CA SER C 283 -15.79 2.11 -8.51
C SER C 283 -16.83 2.06 -9.60
N GLN C 284 -18.08 1.85 -9.23
CA GLN C 284 -19.12 1.71 -10.24
C GLN C 284 -19.46 3.09 -10.80
N LEU C 285 -19.90 3.97 -9.91
CA LEU C 285 -20.48 5.23 -10.34
C LEU C 285 -19.43 6.19 -10.88
N ASP C 286 -18.23 6.22 -10.29
CA ASP C 286 -17.24 7.15 -10.86
C ASP C 286 -16.79 6.69 -12.24
N ALA C 287 -16.80 5.38 -12.48
CA ALA C 287 -16.58 4.88 -13.82
C ALA C 287 -17.69 5.31 -14.77
N HIS C 288 -18.95 5.18 -14.34
CA HIS C 288 -20.03 5.61 -15.21
C HIS C 288 -19.97 7.10 -15.48
N ARG C 289 -19.57 7.89 -14.48
CA ARG C 289 -19.61 9.33 -14.66
C ARG C 289 -18.52 9.80 -15.60
N THR C 290 -17.30 9.28 -15.43
CA THR C 290 -16.25 9.70 -16.34
C THR C 290 -16.44 9.13 -17.74
N SER C 291 -17.06 7.96 -17.88
CA SER C 291 -17.36 7.52 -19.23
C SER C 291 -18.46 8.36 -19.86
N PHE C 292 -19.44 8.81 -19.07
CA PHE C 292 -20.52 9.59 -19.65
C PHE C 292 -20.00 10.96 -20.07
N SER C 293 -19.04 11.48 -19.32
CA SER C 293 -18.42 12.74 -19.69
C SER C 293 -17.62 12.58 -20.96
N ARG C 294 -16.89 11.48 -21.09
CA ARG C 294 -16.10 11.30 -22.29
C ARG C 294 -16.97 11.10 -23.52
N LYS C 295 -18.18 10.53 -23.35
CA LYS C 295 -19.12 10.49 -24.45
C LYS C 295 -19.56 11.89 -24.84
N LEU C 296 -20.08 12.65 -23.87
CA LEU C 296 -20.71 13.90 -24.26
C LEU C 296 -19.73 15.00 -24.63
N THR C 297 -18.44 14.87 -24.30
CA THR C 297 -17.47 15.84 -24.78
C THR C 297 -17.41 15.80 -26.31
N ILE C 298 -17.29 14.61 -26.88
CA ILE C 298 -17.28 14.47 -28.33
C ILE C 298 -18.68 14.69 -28.87
N TYR C 299 -19.71 14.36 -28.08
CA TYR C 299 -21.07 14.57 -28.55
C TYR C 299 -21.35 16.04 -28.79
N ARG C 300 -20.80 16.91 -27.95
CA ARG C 300 -20.85 18.34 -28.26
C ARG C 300 -19.87 18.74 -29.35
N TRP C 301 -18.70 18.10 -29.38
CA TRP C 301 -17.66 18.48 -30.32
C TRP C 301 -18.06 18.22 -31.77
N ILE C 302 -18.90 17.20 -32.00
CA ILE C 302 -19.43 17.00 -33.35
C ILE C 302 -20.32 18.15 -33.76
N LEU C 303 -21.24 18.59 -32.88
CA LEU C 303 -22.09 19.73 -33.24
C LEU C 303 -21.29 21.00 -33.39
N THR C 304 -20.12 21.08 -32.76
CA THR C 304 -19.31 22.29 -32.92
C THR C 304 -18.54 22.26 -34.24
N ARG C 305 -17.67 21.26 -34.42
CA ARG C 305 -16.83 21.32 -35.59
C ARG C 305 -17.52 20.86 -36.88
N GLY C 306 -18.68 20.21 -36.80
CA GLY C 306 -19.42 19.92 -38.02
C GLY C 306 -19.92 21.20 -38.65
N MET C 307 -20.36 22.14 -37.83
CA MET C 307 -20.68 23.47 -38.31
C MET C 307 -19.43 24.30 -38.56
N GLN C 308 -18.29 23.90 -37.98
CA GLN C 308 -17.06 24.61 -38.29
C GLN C 308 -16.48 24.22 -39.65
N TRP C 309 -16.92 23.11 -40.23
CA TRP C 309 -16.44 22.72 -41.56
C TRP C 309 -17.53 22.62 -42.63
N PHE C 310 -18.80 22.44 -42.26
CA PHE C 310 -19.89 22.35 -43.22
C PHE C 310 -20.07 23.67 -43.95
N LEU C 311 -20.06 24.78 -43.21
CA LEU C 311 -20.18 26.10 -43.81
C LEU C 311 -19.20 26.27 -44.96
N CYS C 312 -17.96 25.76 -44.80
CA CYS C 312 -17.02 25.81 -45.91
C CYS C 312 -17.29 24.73 -46.95
N PHE C 313 -17.94 23.62 -46.58
CA PHE C 313 -18.27 22.65 -47.63
C PHE C 313 -19.37 23.20 -48.53
N TRP C 314 -20.59 23.32 -47.99
CA TRP C 314 -21.73 23.80 -48.76
C TRP C 314 -21.75 25.32 -48.79
N PHE C 315 -22.52 25.87 -49.73
CA PHE C 315 -22.71 27.32 -49.86
C PHE C 315 -21.36 28.04 -49.92
N SER C 316 -20.49 27.52 -50.79
CA SER C 316 -19.17 28.07 -51.05
C SER C 316 -19.14 28.78 -52.39
N SER C 317 -19.58 28.09 -53.45
CA SER C 317 -19.73 28.75 -54.75
C SER C 317 -20.80 29.83 -54.69
N GLN C 318 -21.94 29.53 -54.06
CA GLN C 318 -22.93 30.56 -53.77
C GLN C 318 -22.30 31.72 -53.01
N PRO C 319 -22.22 32.90 -53.61
CA PRO C 319 -21.52 34.02 -52.95
C PRO C 319 -22.32 34.60 -51.79
N MET C 320 -21.65 34.79 -50.65
CA MET C 320 -22.34 35.38 -49.50
C MET C 320 -22.49 36.89 -49.65
N PHE C 321 -21.43 37.58 -50.06
CA PHE C 321 -21.50 39.01 -50.36
C PHE C 321 -20.29 39.40 -51.21
N TRP C 322 -20.45 40.52 -51.92
CA TRP C 322 -19.50 40.99 -52.91
C TRP C 322 -18.59 42.11 -52.39
N LEU C 323 -17.28 41.95 -52.60
CA LEU C 323 -16.34 42.98 -52.18
C LEU C 323 -16.47 44.18 -53.13
N PRO C 324 -16.30 45.40 -52.62
CA PRO C 324 -16.28 46.56 -53.51
C PRO C 324 -15.20 46.40 -54.58
N TYR C 325 -15.55 46.78 -55.81
CA TYR C 325 -14.65 46.61 -56.95
C TYR C 325 -13.45 47.54 -56.85
N GLY C 326 -12.26 46.96 -56.77
CA GLY C 326 -11.03 47.72 -56.88
C GLY C 326 -10.31 48.03 -55.58
N TRP C 327 -10.84 47.59 -54.44
CA TRP C 327 -10.20 47.92 -53.17
C TRP C 327 -9.00 47.03 -52.86
N PHE C 328 -9.05 45.76 -53.25
CA PHE C 328 -7.96 44.91 -52.81
C PHE C 328 -7.11 44.43 -53.98
N PRO C 329 -5.80 44.37 -53.80
CA PRO C 329 -4.93 43.80 -54.84
C PRO C 329 -5.25 42.36 -55.13
N TYR C 330 -4.84 41.92 -56.33
CA TYR C 330 -5.12 40.57 -56.80
C TYR C 330 -4.64 39.52 -55.81
N TRP C 331 -3.44 39.73 -55.24
CA TRP C 331 -2.89 38.70 -54.35
C TRP C 331 -3.74 38.57 -53.09
N VAL C 332 -4.35 39.65 -52.63
CA VAL C 332 -5.23 39.53 -51.47
C VAL C 332 -6.48 38.76 -51.86
N GLU C 333 -7.03 39.08 -53.04
CA GLU C 333 -8.17 38.38 -53.59
C GLU C 333 -7.95 36.88 -53.76
N TRP C 334 -6.68 36.45 -53.76
CA TRP C 334 -6.37 35.02 -53.93
C TRP C 334 -7.15 34.14 -52.96
N LEU C 335 -7.35 34.62 -51.74
CA LEU C 335 -8.06 33.84 -50.72
C LEU C 335 -9.41 33.36 -51.23
N VAL C 336 -10.15 34.24 -51.90
CA VAL C 336 -11.47 33.94 -52.45
C VAL C 336 -11.42 32.81 -53.48
N SER C 337 -10.39 32.82 -54.34
CA SER C 337 -10.28 31.82 -55.40
C SER C 337 -10.24 30.38 -54.89
N PHE C 338 -9.60 30.14 -53.74
CA PHE C 338 -9.51 28.76 -53.26
C PHE C 338 -10.78 28.06 -52.76
N PRO C 339 -11.76 28.74 -52.13
CA PRO C 339 -12.98 28.03 -51.71
C PRO C 339 -14.10 27.94 -52.74
N ASN C 340 -13.86 28.30 -53.99
CA ASN C 340 -14.81 28.23 -55.12
C ASN C 340 -15.75 29.44 -55.19
N ALA C 341 -15.68 30.38 -54.26
CA ALA C 341 -16.56 31.54 -54.35
C ALA C 341 -16.17 32.42 -55.55
N PRO C 342 -17.16 32.97 -56.26
CA PRO C 342 -16.87 33.83 -57.41
C PRO C 342 -15.98 35.00 -57.05
N MET C 343 -15.04 35.30 -57.95
CA MET C 343 -14.14 36.43 -57.74
C MET C 343 -14.93 37.70 -57.50
N GLY C 344 -14.56 38.45 -56.46
CA GLY C 344 -15.25 39.66 -56.09
C GLY C 344 -16.22 39.48 -54.95
N SER C 345 -16.39 38.26 -54.47
CA SER C 345 -17.23 37.93 -53.32
C SER C 345 -16.34 37.32 -52.25
N VAL C 346 -16.88 37.14 -51.05
CA VAL C 346 -16.07 36.68 -49.93
C VAL C 346 -16.54 35.28 -49.56
N SER C 347 -15.65 34.52 -48.90
CA SER C 347 -15.93 33.18 -48.43
C SER C 347 -16.31 33.24 -46.95
N ILE C 348 -16.30 32.09 -46.27
CA ILE C 348 -16.71 32.04 -44.87
C ILE C 348 -15.60 31.38 -44.05
N VAL C 349 -14.55 32.14 -43.78
CA VAL C 349 -13.41 31.68 -42.98
C VAL C 349 -13.16 32.62 -41.79
N VAL C 350 -12.79 33.87 -42.09
CA VAL C 350 -12.55 34.88 -41.06
C VAL C 350 -13.72 35.00 -40.09
N TRP C 351 -14.94 34.73 -40.55
CA TRP C 351 -16.06 34.57 -39.62
C TRP C 351 -15.94 33.33 -38.75
N GLN C 352 -15.26 32.29 -39.22
CA GLN C 352 -15.09 31.12 -38.37
C GLN C 352 -14.05 31.38 -37.29
N SER C 353 -12.82 31.71 -37.67
CA SER C 353 -11.76 31.78 -36.67
C SER C 353 -11.62 33.16 -36.03
N ALA C 354 -11.44 34.21 -36.82
CA ALA C 354 -11.11 35.50 -36.23
C ALA C 354 -12.33 36.25 -35.70
N CYS C 355 -13.54 35.80 -36.00
CA CYS C 355 -14.73 36.41 -35.41
C CYS C 355 -14.82 36.11 -33.93
N SER C 356 -14.05 35.14 -33.46
CA SER C 356 -13.97 34.84 -32.04
C SER C 356 -13.34 36.01 -31.30
N GLY C 357 -12.48 36.77 -31.97
CA GLY C 357 -11.93 37.97 -31.37
C GLY C 357 -12.95 39.07 -31.19
N VAL C 358 -14.01 39.07 -32.00
CA VAL C 358 -14.99 40.16 -31.95
C VAL C 358 -15.67 40.19 -30.60
N LEU C 359 -16.15 39.04 -30.14
CA LEU C 359 -16.70 38.92 -28.80
C LEU C 359 -15.64 38.84 -27.71
N ALA C 360 -14.36 38.61 -28.07
CA ALA C 360 -13.35 38.40 -27.05
C ALA C 360 -13.14 39.67 -26.22
N LEU C 361 -13.18 40.85 -26.86
CA LEU C 361 -13.12 42.09 -26.10
C LEU C 361 -14.36 42.28 -25.24
N VAL C 362 -15.51 41.82 -25.73
CA VAL C 362 -16.70 41.87 -24.89
C VAL C 362 -16.56 40.89 -23.76
N ILE C 363 -15.80 39.82 -23.97
CA ILE C 363 -15.47 38.94 -22.85
C ILE C 363 -14.69 39.70 -21.80
N GLU C 364 -13.70 40.48 -22.23
CA GLU C 364 -13.00 41.25 -21.20
C GLU C 364 -13.87 42.38 -20.68
N ALA C 365 -14.94 42.75 -21.40
CA ALA C 365 -15.88 43.69 -20.81
C ALA C 365 -16.56 43.05 -19.60
N VAL C 366 -16.88 41.76 -19.70
CA VAL C 366 -17.46 41.09 -18.55
C VAL C 366 -16.42 40.94 -17.47
N MET C 367 -15.15 40.91 -17.85
CA MET C 367 -14.09 40.83 -16.87
C MET C 367 -14.04 42.09 -16.03
N ALA C 368 -14.49 43.22 -16.59
CA ALA C 368 -14.62 44.44 -15.81
C ALA C 368 -15.94 44.52 -15.07
N VAL C 369 -16.93 43.72 -15.46
CA VAL C 369 -18.24 43.81 -14.83
C VAL C 369 -18.22 43.19 -13.44
N VAL C 370 -17.80 41.93 -13.36
CA VAL C 370 -17.77 41.23 -12.08
C VAL C 370 -16.61 41.72 -11.22
N ARG C 371 -15.41 41.83 -11.80
CA ARG C 371 -14.25 42.30 -11.05
C ARG C 371 -14.18 43.82 -11.09
N VAL D 118 -7.60 10.36 -27.26
CA VAL D 118 -6.17 10.35 -27.62
C VAL D 118 -5.74 8.93 -27.97
N GLU D 119 -6.15 7.95 -27.16
CA GLU D 119 -5.75 6.57 -27.41
C GLU D 119 -6.46 5.94 -28.58
N GLN D 120 -7.66 6.43 -28.91
CA GLN D 120 -8.54 5.82 -29.91
C GLN D 120 -8.81 4.36 -29.59
N ALA D 121 -8.73 3.99 -28.32
CA ALA D 121 -9.09 2.65 -27.87
C ALA D 121 -10.18 2.63 -26.82
N ILE D 122 -10.12 3.52 -25.82
CA ILE D 122 -11.25 3.66 -24.92
C ILE D 122 -12.42 4.30 -25.67
N GLU D 123 -12.11 5.15 -26.66
CA GLU D 123 -13.15 5.65 -27.54
C GLU D 123 -13.74 4.52 -28.37
N LEU D 124 -12.92 3.54 -28.73
CA LEU D 124 -13.41 2.32 -29.36
C LEU D 124 -14.05 1.37 -28.35
N ALA D 125 -13.66 1.46 -27.08
CA ALA D 125 -14.31 0.67 -26.05
C ALA D 125 -15.72 1.18 -25.78
N LEU D 126 -15.97 2.46 -26.02
CA LEU D 126 -17.31 3.02 -25.93
C LEU D 126 -18.02 3.11 -27.27
N GLU D 127 -17.32 2.85 -28.39
CA GLU D 127 -18.00 2.78 -29.68
C GLU D 127 -18.86 1.53 -29.79
N PHE D 128 -18.64 0.55 -28.93
CA PHE D 128 -19.44 -0.67 -28.90
C PHE D 128 -20.84 -0.43 -28.32
N PHE D 129 -21.03 0.66 -27.58
CA PHE D 129 -22.31 0.98 -26.96
C PHE D 129 -23.38 1.37 -27.98
N PRO D 130 -23.05 2.09 -29.05
CA PRO D 130 -23.99 2.18 -30.17
C PRO D 130 -23.85 0.95 -31.07
N ALA D 131 -24.66 0.92 -32.12
CA ALA D 131 -24.61 -0.19 -33.07
C ALA D 131 -23.54 0.02 -34.14
N GLY D 153 -4.14 -4.41 -54.49
CA GLY D 153 -3.44 -3.31 -55.12
C GLY D 153 -2.02 -3.17 -54.60
N MET D 154 -1.86 -3.37 -53.29
CA MET D 154 -0.55 -3.28 -52.66
C MET D 154 0.32 -4.50 -52.96
N THR D 155 -0.29 -5.67 -53.17
CA THR D 155 0.49 -6.84 -53.54
C THR D 155 1.04 -6.72 -54.96
N LEU D 156 0.23 -6.25 -55.92
CA LEU D 156 0.76 -6.04 -57.24
C LEU D 156 1.68 -4.82 -57.27
N TRP D 157 1.52 -3.94 -56.28
CA TRP D 157 2.46 -2.85 -56.12
C TRP D 157 3.82 -3.35 -55.70
N ARG D 158 3.86 -4.29 -54.75
CA ARG D 158 5.15 -4.84 -54.38
C ARG D 158 5.72 -5.72 -55.49
N ASP D 159 4.86 -6.30 -56.33
CA ASP D 159 5.41 -7.08 -57.43
C ASP D 159 6.03 -6.18 -58.50
N VAL D 160 5.46 -5.00 -58.72
CA VAL D 160 6.13 -4.11 -59.67
C VAL D 160 7.36 -3.46 -59.04
N MET D 161 7.38 -3.29 -57.71
CA MET D 161 8.63 -2.82 -57.14
C MET D 161 9.69 -3.91 -57.18
N LEU D 162 9.26 -5.17 -57.22
CA LEU D 162 10.20 -6.27 -57.39
C LEU D 162 10.76 -6.24 -58.80
N ALA D 163 9.93 -5.90 -59.77
CA ALA D 163 10.44 -5.92 -61.14
C ALA D 163 11.37 -4.74 -61.37
N LEU D 164 11.09 -3.59 -60.75
CA LEU D 164 12.01 -2.47 -60.92
C LEU D 164 13.29 -2.68 -60.13
N PHE D 165 13.24 -3.44 -59.03
CA PHE D 165 14.47 -3.80 -58.34
C PHE D 165 15.28 -4.82 -59.15
N VAL D 166 14.61 -5.68 -59.91
CA VAL D 166 15.35 -6.59 -60.79
C VAL D 166 16.07 -5.80 -61.87
N LEU D 167 15.38 -4.83 -62.48
CA LEU D 167 16.06 -4.06 -63.52
C LEU D 167 17.11 -3.12 -62.94
N GLY D 168 16.94 -2.68 -61.70
CA GLY D 168 17.99 -1.91 -61.06
C GLY D 168 19.19 -2.73 -60.69
N ALA D 169 18.98 -4.01 -60.39
CA ALA D 169 20.13 -4.84 -60.08
C ALA D 169 20.85 -5.27 -61.35
N VAL D 170 20.10 -5.40 -62.45
CA VAL D 170 20.75 -5.79 -63.71
C VAL D 170 21.53 -4.60 -64.27
N ALA D 171 21.05 -3.37 -64.01
CA ALA D 171 21.66 -2.20 -64.61
C ALA D 171 23.05 -1.88 -64.05
N TRP D 172 23.47 -2.50 -62.95
CA TRP D 172 24.79 -2.21 -62.39
C TRP D 172 25.90 -3.04 -63.01
N TRP D 173 25.62 -4.27 -63.43
CA TRP D 173 26.68 -5.13 -63.94
C TRP D 173 27.19 -4.62 -65.29
N ARG D 174 26.28 -4.23 -66.17
CA ARG D 174 26.70 -3.72 -67.48
C ARG D 174 27.19 -2.28 -67.40
N ALA D 175 26.99 -1.60 -66.27
CA ALA D 175 27.47 -0.25 -66.09
C ALA D 175 28.74 -0.22 -65.23
N MET D 191 26.94 4.64 -58.80
CA MET D 191 27.89 3.66 -58.28
C MET D 191 28.00 3.74 -56.76
N SER D 192 28.46 4.90 -56.26
CA SER D 192 28.65 5.04 -54.83
C SER D 192 27.32 5.15 -54.11
N LEU D 193 26.33 5.76 -54.75
CA LEU D 193 25.03 5.93 -54.12
C LEU D 193 24.32 4.58 -53.97
N LEU D 194 24.57 3.64 -54.88
CA LEU D 194 24.03 2.31 -54.67
C LEU D 194 24.60 1.65 -53.42
N LEU D 195 25.88 1.91 -53.10
CA LEU D 195 26.37 1.37 -51.83
C LEU D 195 25.82 2.14 -50.65
N VAL D 196 25.46 3.42 -50.84
CA VAL D 196 24.79 4.11 -49.75
C VAL D 196 23.42 3.48 -49.49
N ILE D 197 22.72 3.08 -50.56
CA ILE D 197 21.46 2.40 -50.33
C ILE D 197 21.74 1.04 -49.73
N PHE D 198 22.92 0.49 -49.98
CA PHE D 198 23.21 -0.85 -49.52
C PHE D 198 23.38 -0.84 -48.01
N LEU D 199 24.03 0.19 -47.48
CA LEU D 199 24.11 0.32 -46.02
C LEU D 199 22.77 0.71 -45.43
N LEU D 200 21.96 1.52 -46.12
CA LEU D 200 20.70 1.84 -45.50
C LEU D 200 19.78 0.64 -45.46
N GLU D 201 20.04 -0.36 -46.33
CA GLU D 201 19.26 -1.58 -46.25
C GLU D 201 19.57 -2.36 -44.98
N LEU D 202 20.84 -2.41 -44.57
CA LEU D 202 21.12 -3.12 -43.33
C LEU D 202 20.67 -2.31 -42.13
N VAL D 203 20.60 -0.98 -42.27
CA VAL D 203 20.01 -0.18 -41.20
C VAL D 203 18.53 -0.47 -41.05
N VAL D 204 17.80 -0.56 -42.17
CA VAL D 204 16.39 -0.88 -42.06
C VAL D 204 16.22 -2.32 -41.60
N GLN D 205 17.16 -3.20 -41.95
CA GLN D 205 17.12 -4.57 -41.44
C GLN D 205 17.22 -4.62 -39.92
N LEU D 206 18.18 -3.90 -39.35
CA LEU D 206 18.28 -3.86 -37.90
C LEU D 206 17.06 -3.17 -37.30
N VAL D 207 16.46 -2.25 -38.05
CA VAL D 207 15.18 -1.68 -37.64
C VAL D 207 14.13 -2.78 -37.57
N ASN D 208 14.20 -3.74 -38.49
CA ASN D 208 13.29 -4.89 -38.44
C ASN D 208 13.70 -5.83 -37.33
N THR D 209 14.92 -6.35 -37.39
CA THR D 209 15.38 -7.26 -36.34
C THR D 209 15.88 -6.42 -35.18
N ILE D 210 15.04 -5.48 -34.76
CA ILE D 210 15.30 -4.64 -33.59
C ILE D 210 14.94 -5.39 -32.31
N GLY D 211 15.89 -5.43 -31.38
CA GLY D 211 15.48 -5.61 -30.01
C GLY D 211 15.67 -4.27 -29.33
N ALA D 212 14.57 -3.54 -29.12
CA ALA D 212 14.67 -2.21 -28.53
C ALA D 212 15.19 -2.26 -27.10
N LYS D 213 15.03 -3.39 -26.43
CA LYS D 213 15.76 -3.66 -25.20
C LYS D 213 17.12 -4.27 -25.49
N THR D 214 17.20 -5.14 -26.50
CA THR D 214 18.45 -5.87 -26.70
C THR D 214 19.53 -4.98 -27.28
N ILE D 215 19.16 -3.89 -27.94
CA ILE D 215 20.14 -2.85 -28.20
C ILE D 215 20.69 -2.32 -26.90
N ASN D 216 19.82 -2.13 -25.92
CA ASN D 216 20.36 -1.73 -24.64
C ASN D 216 21.00 -2.90 -23.91
N ASN D 217 20.73 -4.14 -24.34
CA ASN D 217 21.53 -5.23 -23.80
C ASN D 217 22.94 -5.18 -24.34
N LEU D 218 23.12 -4.65 -25.56
CA LEU D 218 24.47 -4.37 -26.02
C LEU D 218 25.04 -3.18 -25.28
N LEU D 219 24.19 -2.26 -24.86
CA LEU D 219 24.68 -1.09 -24.15
C LEU D 219 25.07 -1.47 -22.73
N TRP D 220 24.56 -2.60 -22.25
CA TRP D 220 24.91 -3.08 -20.93
C TRP D 220 26.36 -3.50 -20.88
N ARG D 221 26.78 -4.39 -21.79
CA ARG D 221 28.20 -4.69 -21.88
C ARG D 221 29.00 -3.52 -22.40
N PHE D 222 28.37 -2.57 -23.07
CA PHE D 222 29.08 -1.33 -23.38
C PHE D 222 29.49 -0.62 -22.09
N TYR D 223 28.62 -0.67 -21.08
CA TYR D 223 28.96 -0.03 -19.83
C TYR D 223 29.33 -1.02 -18.75
N LEU D 224 29.39 -2.31 -19.10
CA LEU D 224 30.12 -3.30 -18.32
C LEU D 224 31.57 -3.36 -18.76
N SER D 225 32.00 -2.42 -19.60
CA SER D 225 33.34 -2.41 -20.19
C SER D 225 34.23 -1.36 -19.56
N ILE D 226 33.76 -0.13 -19.47
CA ILE D 226 34.60 1.00 -19.10
C ILE D 226 34.85 0.89 -17.60
N PRO D 227 36.10 0.77 -17.16
CA PRO D 227 36.38 0.80 -15.71
C PRO D 227 36.33 2.19 -15.10
N GLY D 228 36.42 3.24 -15.89
CA GLY D 228 36.30 4.57 -15.32
C GLY D 228 34.87 5.05 -15.15
N SER D 229 33.91 4.14 -15.31
CA SER D 229 32.51 4.50 -15.15
C SER D 229 32.15 4.66 -13.68
N PRO D 230 31.50 5.76 -13.30
CA PRO D 230 31.05 5.89 -11.90
C PRO D 230 29.92 4.95 -11.60
N LEU D 231 28.99 4.76 -12.54
CA LEU D 231 27.81 4.00 -12.23
C LEU D 231 28.12 2.52 -12.10
N ALA D 232 29.00 1.96 -12.95
CA ALA D 232 29.24 0.54 -12.75
C ALA D 232 30.01 0.28 -11.46
N LYS D 233 30.77 1.28 -11.01
CA LYS D 233 31.39 1.23 -9.68
C LYS D 233 30.32 1.13 -8.59
N ASP D 234 29.31 2.00 -8.65
CA ASP D 234 28.28 1.90 -7.62
C ASP D 234 27.42 0.67 -7.81
N PHE D 235 27.36 0.13 -9.02
CA PHE D 235 26.69 -1.14 -9.24
C PHE D 235 27.41 -2.26 -8.49
N ALA D 236 28.74 -2.23 -8.50
CA ALA D 236 29.46 -3.23 -7.74
C ALA D 236 29.32 -3.00 -6.25
N GLU D 237 29.24 -1.73 -5.84
CA GLU D 237 29.05 -1.48 -4.42
C GLU D 237 27.64 -1.88 -3.99
N GLN D 238 26.69 -1.79 -4.91
CA GLN D 238 25.34 -2.25 -4.66
C GLN D 238 25.31 -3.74 -4.44
N ARG D 239 25.98 -4.49 -5.32
CA ARG D 239 25.95 -5.93 -5.09
C ARG D 239 26.70 -6.29 -3.82
N ALA D 240 27.74 -5.53 -3.46
CA ALA D 240 28.45 -5.84 -2.22
C ALA D 240 27.55 -5.61 -1.02
N LYS D 241 26.81 -4.50 -1.00
CA LYS D 241 25.88 -4.31 0.11
C LYS D 241 24.78 -5.33 0.09
N GLN D 242 24.37 -5.79 -1.09
CA GLN D 242 23.37 -6.84 -1.15
C GLN D 242 23.88 -8.14 -0.57
N LYS D 243 25.14 -8.45 -0.81
CA LYS D 243 25.72 -9.66 -0.20
C LYS D 243 25.77 -9.54 1.32
N GLU D 244 26.16 -8.38 1.84
CA GLU D 244 26.14 -8.29 3.29
C GLU D 244 24.72 -8.34 3.81
N TYR D 245 23.78 -7.86 3.00
CA TYR D 245 22.37 -7.89 3.34
C TYR D 245 21.88 -9.30 3.53
N LEU D 246 22.08 -10.13 2.51
CA LEU D 246 21.58 -11.48 2.58
C LEU D 246 22.32 -12.26 3.66
N GLN D 247 23.56 -11.86 3.96
CA GLN D 247 24.28 -12.54 5.02
C GLN D 247 23.60 -12.31 6.36
N VAL D 248 23.31 -11.05 6.68
CA VAL D 248 22.68 -10.84 7.97
C VAL D 248 21.26 -11.39 7.96
N ARG D 249 20.60 -11.43 6.81
CA ARG D 249 19.28 -12.03 6.80
C ARG D 249 19.33 -13.52 7.10
N HIS D 250 20.35 -14.22 6.62
CA HIS D 250 20.50 -15.60 7.03
C HIS D 250 20.76 -15.69 8.52
N ASP D 251 21.56 -14.77 9.05
CA ASP D 251 21.82 -14.89 10.48
C ASP D 251 20.60 -14.53 11.29
N LEU D 252 19.69 -13.76 10.69
CA LEU D 252 18.44 -13.39 11.36
C LEU D 252 17.50 -14.58 11.41
N ASN D 253 17.18 -15.13 10.24
CA ASN D 253 16.21 -16.22 10.23
C ASN D 253 16.77 -17.44 10.93
N ALA D 254 18.09 -17.57 10.99
CA ALA D 254 18.64 -18.67 11.76
C ALA D 254 18.47 -18.43 13.26
N THR D 255 18.41 -17.18 13.68
CA THR D 255 18.32 -16.97 15.12
C THR D 255 16.93 -17.29 15.63
N SER D 256 16.83 -17.30 16.95
CA SER D 256 15.61 -17.59 17.69
C SER D 256 15.14 -16.32 18.37
N SER D 257 13.82 -16.17 18.48
CA SER D 257 13.22 -14.98 19.07
C SER D 257 13.07 -15.08 20.56
N GLN D 258 13.62 -16.11 21.18
CA GLN D 258 13.48 -16.31 22.60
C GLN D 258 14.69 -15.84 23.38
N ASP D 259 15.86 -16.37 23.08
CA ASP D 259 16.97 -16.24 24.00
C ASP D 259 18.06 -15.34 23.49
N GLU D 260 17.87 -14.72 22.33
CA GLU D 260 18.76 -13.66 21.86
C GLU D 260 17.93 -12.47 21.45
N PHE D 261 16.96 -12.12 22.29
CA PHE D 261 16.01 -11.11 21.90
C PHE D 261 16.69 -9.77 21.72
N ALA D 262 17.75 -9.53 22.48
CA ALA D 262 18.56 -8.35 22.24
C ALA D 262 19.33 -8.48 20.95
N LYS D 263 19.89 -9.67 20.72
CA LYS D 263 20.57 -9.89 19.45
C LYS D 263 19.55 -9.92 18.34
N TRP D 264 18.33 -10.34 18.69
CA TRP D 264 17.22 -10.29 17.76
C TRP D 264 17.00 -8.87 17.28
N ALA D 265 16.93 -7.94 18.22
CA ALA D 265 16.66 -6.58 17.83
C ALA D 265 17.83 -5.95 17.09
N ARG D 266 19.06 -6.26 17.50
CA ARG D 266 20.17 -5.67 16.77
C ARG D 266 20.21 -6.16 15.34
N LEU D 267 19.87 -7.43 15.12
CA LEU D 267 19.76 -7.91 13.76
C LEU D 267 18.60 -7.24 13.04
N GLN D 268 17.48 -7.06 13.71
CA GLN D 268 16.33 -6.48 13.03
C GLN D 268 16.61 -5.05 12.62
N ARG D 269 17.31 -4.33 13.49
CA ARG D 269 17.69 -2.96 13.21
C ARG D 269 18.65 -2.88 12.04
N LYS D 270 19.64 -3.75 11.98
CA LYS D 270 20.49 -3.71 10.79
C LYS D 270 19.72 -4.12 9.54
N HIS D 271 18.73 -4.98 9.71
CA HIS D 271 17.94 -5.44 8.58
C HIS D 271 17.19 -4.29 7.92
N ASP D 272 16.37 -3.61 8.71
CA ASP D 272 15.67 -2.49 8.11
C ASP D 272 16.57 -1.30 7.91
N LYS D 273 17.79 -1.33 8.49
CA LYS D 273 18.78 -0.31 8.15
C LYS D 273 19.15 -0.41 6.69
N LEU D 274 19.55 -1.60 6.24
CA LEU D 274 19.99 -1.70 4.87
C LEU D 274 18.83 -1.79 3.90
N MET D 275 17.66 -2.22 4.37
CA MET D 275 16.54 -2.40 3.47
C MET D 275 16.11 -1.09 2.84
N ASP D 276 16.20 0.01 3.57
CA ASP D 276 15.88 1.30 2.98
C ASP D 276 16.91 1.77 1.95
N GLU D 277 18.21 1.59 2.24
CA GLU D 277 19.18 2.04 1.24
C GLU D 277 19.20 1.16 0.01
N LEU D 278 18.53 0.00 0.06
CA LEU D 278 18.57 -0.87 -1.11
C LEU D 278 17.93 -0.20 -2.32
N GLU D 279 16.65 0.15 -2.22
CA GLU D 279 15.95 0.67 -3.40
C GLU D 279 16.30 2.11 -3.72
N LYS D 280 17.10 2.79 -2.91
CA LYS D 280 17.60 4.10 -3.31
C LYS D 280 18.47 3.98 -4.55
N LYS D 281 19.32 2.97 -4.58
CA LYS D 281 20.12 2.72 -5.78
C LYS D 281 19.27 2.24 -6.93
N LYS D 282 18.21 1.48 -6.67
CA LYS D 282 17.30 1.10 -7.75
C LYS D 282 16.61 2.30 -8.37
N SER D 283 16.32 3.31 -7.55
CA SER D 283 15.76 4.56 -8.06
C SER D 283 16.80 5.34 -8.83
N GLN D 284 18.07 5.23 -8.43
CA GLN D 284 19.11 6.02 -9.08
C GLN D 284 19.42 5.40 -10.44
N LEU D 285 19.83 4.13 -10.42
CA LEU D 285 20.40 3.52 -11.61
C LEU D 285 19.32 3.21 -12.65
N ASP D 286 18.11 2.81 -12.24
CA ASP D 286 17.11 2.55 -13.26
C ASP D 286 16.67 3.84 -13.94
N ALA D 287 16.71 4.95 -13.20
CA ALA D 287 16.49 6.25 -13.82
C ALA D 287 17.60 6.57 -14.83
N HIS D 288 18.86 6.36 -14.43
CA HIS D 288 19.94 6.63 -15.38
C HIS D 288 19.84 5.74 -16.60
N ARG D 289 19.42 4.50 -16.43
CA ARG D 289 19.44 3.58 -17.55
C ARG D 289 18.34 3.90 -18.53
N THR D 290 17.12 4.18 -18.04
CA THR D 290 16.07 4.52 -18.97
C THR D 290 16.27 5.89 -19.60
N SER D 291 16.92 6.83 -18.89
CA SER D 291 17.22 8.07 -19.57
C SER D 291 18.30 7.89 -20.62
N PHE D 292 19.27 7.00 -20.37
CA PHE D 292 20.34 6.82 -21.34
C PHE D 292 19.79 6.14 -22.59
N SER D 293 18.82 5.25 -22.39
CA SER D 293 18.17 4.61 -23.52
C SER D 293 17.38 5.62 -24.32
N ARG D 294 16.67 6.52 -23.64
CA ARG D 294 15.87 7.50 -24.37
C ARG D 294 16.77 8.48 -25.13
N LYS D 295 17.97 8.75 -24.62
CA LYS D 295 18.92 9.53 -25.42
C LYS D 295 19.33 8.78 -26.67
N LEU D 296 19.83 7.56 -26.50
CA LEU D 296 20.44 6.92 -27.66
C LEU D 296 19.43 6.39 -28.67
N THR D 297 18.15 6.29 -28.32
CA THR D 297 17.17 5.93 -29.34
C THR D 297 17.10 7.01 -30.40
N ILE D 298 17.00 8.27 -29.98
CA ILE D 298 16.99 9.37 -30.93
C ILE D 298 18.39 9.56 -31.50
N TYR D 299 19.42 9.25 -30.71
CA TYR D 299 20.78 9.41 -31.22
C TYR D 299 21.03 8.50 -32.41
N ARG D 300 20.46 7.30 -32.42
CA ARG D 300 20.49 6.48 -33.62
C ARG D 300 19.50 6.97 -34.67
N TRP D 301 18.33 7.46 -34.23
CA TRP D 301 17.29 7.86 -35.16
C TRP D 301 17.69 9.05 -36.02
N ILE D 302 18.55 9.92 -35.50
CA ILE D 302 19.09 11.00 -36.33
C ILE D 302 19.96 10.44 -37.45
N LEU D 303 20.86 9.51 -37.13
CA LEU D 303 21.68 8.93 -38.19
C LEU D 303 20.86 8.12 -39.17
N THR D 304 19.69 7.64 -38.75
CA THR D 304 18.86 6.89 -39.69
C THR D 304 18.09 7.84 -40.61
N ARG D 305 17.25 8.69 -40.04
CA ARG D 305 16.39 9.48 -40.92
C ARG D 305 17.10 10.69 -41.53
N GLY D 306 18.27 11.10 -41.04
CA GLY D 306 19.02 12.13 -41.72
C GLY D 306 19.49 11.64 -43.07
N MET D 307 19.92 10.38 -43.15
CA MET D 307 20.21 9.75 -44.42
C MET D 307 18.93 9.35 -45.15
N GLN D 308 17.81 9.25 -44.44
CA GLN D 308 16.56 8.97 -45.14
C GLN D 308 15.99 10.21 -45.84
N TRP D 309 16.44 11.40 -45.49
CA TRP D 309 15.98 12.61 -46.18
C TRP D 309 17.07 13.41 -46.90
N PHE D 310 18.34 13.26 -46.51
CA PHE D 310 19.43 13.98 -47.17
C PHE D 310 19.58 13.54 -48.62
N LEU D 311 19.56 12.22 -48.84
CA LEU D 311 19.65 11.68 -50.19
C LEU D 311 18.66 12.37 -51.13
N CYS D 312 17.44 12.64 -50.64
CA CYS D 312 16.49 13.39 -51.46
C CYS D 312 16.78 14.88 -51.46
N PHE D 313 17.45 15.42 -50.45
CA PHE D 313 17.80 16.84 -50.53
C PHE D 313 18.90 17.05 -51.58
N TRP D 314 20.11 16.58 -51.29
CA TRP D 314 21.24 16.76 -52.19
C TRP D 314 21.23 15.67 -53.26
N PHE D 315 21.99 15.91 -54.33
CA PHE D 315 22.15 14.96 -55.43
C PHE D 315 20.79 14.51 -55.96
N SER D 316 19.93 15.49 -56.22
CA SER D 316 18.60 15.30 -56.77
C SER D 316 18.54 15.72 -58.23
N SER D 317 19.00 16.94 -58.52
CA SER D 317 19.14 17.37 -59.91
C SER D 317 20.19 16.52 -60.63
N GLN D 318 21.33 16.29 -59.99
CA GLN D 318 22.30 15.33 -60.51
C GLN D 318 21.64 13.98 -60.75
N PRO D 319 21.54 13.54 -62.00
CA PRO D 319 20.81 12.29 -62.29
C PRO D 319 21.61 11.05 -61.86
N MET D 320 20.93 10.13 -61.16
CA MET D 320 21.61 8.91 -60.76
C MET D 320 21.73 7.92 -61.92
N PHE D 321 20.65 7.73 -62.68
CA PHE D 321 20.69 6.89 -63.87
C PHE D 321 19.49 7.22 -64.75
N TRP D 322 19.62 6.91 -66.04
CA TRP D 322 18.66 7.27 -67.07
C TRP D 322 17.72 6.12 -67.45
N LEU D 323 16.42 6.40 -67.47
CA LEU D 323 15.45 5.38 -67.88
C LEU D 323 15.55 5.16 -69.38
N PRO D 324 15.36 3.92 -69.86
CA PRO D 324 15.31 3.72 -71.31
C PRO D 324 14.24 4.60 -71.94
N TYR D 325 14.58 5.15 -73.10
CA TYR D 325 13.69 6.08 -73.79
C TYR D 325 12.47 5.36 -74.35
N GLY D 326 11.29 5.74 -73.87
CA GLY D 326 10.03 5.30 -74.46
C GLY D 326 9.32 4.18 -73.73
N TRP D 327 9.84 3.69 -72.61
CA TRP D 327 9.21 2.58 -71.91
C TRP D 327 8.03 3.03 -71.06
N PHE D 328 8.10 4.22 -70.46
CA PHE D 328 7.04 4.54 -69.53
C PHE D 328 6.20 5.71 -70.03
N PRO D 329 4.88 5.65 -69.85
CA PRO D 329 4.03 6.78 -70.20
C PRO D 329 4.38 8.04 -69.41
N TYR D 330 3.98 9.18 -69.97
CA TYR D 330 4.29 10.48 -69.37
C TYR D 330 3.82 10.55 -67.91
N TRP D 331 2.62 10.03 -67.63
CA TRP D 331 2.09 10.16 -66.27
C TRP D 331 2.94 9.38 -65.28
N VAL D 332 3.53 8.26 -65.71
CA VAL D 332 4.42 7.52 -64.81
C VAL D 332 5.69 8.34 -64.57
N GLU D 333 6.23 8.91 -65.65
CA GLU D 333 7.38 9.79 -65.59
C GLU D 333 7.18 10.98 -64.67
N TRP D 334 5.93 11.32 -64.34
CA TRP D 334 5.65 12.46 -63.47
C TRP D 334 6.45 12.41 -62.18
N LEU D 335 6.65 11.22 -61.62
CA LEU D 335 7.36 11.06 -60.37
C LEU D 335 8.73 11.74 -60.41
N VAL D 336 9.45 11.57 -61.53
CA VAL D 336 10.78 12.15 -61.73
C VAL D 336 10.74 13.68 -61.70
N SER D 337 9.72 14.27 -62.29
CA SER D 337 9.63 15.73 -62.37
C SER D 337 9.62 16.42 -61.01
N PHE D 338 8.99 15.81 -60.00
CA PHE D 338 8.92 16.46 -58.69
C PHE D 338 10.21 16.61 -57.87
N PRO D 339 11.16 15.68 -57.90
CA PRO D 339 12.40 15.87 -57.12
C PRO D 339 13.52 16.63 -57.81
N ASN D 340 13.28 17.24 -58.98
CA ASN D 340 14.23 18.06 -59.74
C ASN D 340 15.14 17.23 -60.64
N ALA D 341 15.06 15.91 -60.63
CA ALA D 341 15.91 15.12 -61.52
C ALA D 341 15.50 15.33 -62.97
N PRO D 342 16.48 15.41 -63.88
CA PRO D 342 16.17 15.58 -65.31
C PRO D 342 15.25 14.49 -65.85
N MET D 343 14.31 14.92 -66.69
CA MET D 343 13.38 13.97 -67.30
C MET D 343 14.15 12.89 -68.04
N GLY D 344 13.77 11.64 -67.78
CA GLY D 344 14.43 10.49 -68.37
C GLY D 344 15.41 9.81 -67.44
N SER D 345 15.60 10.35 -66.25
CA SER D 345 16.45 9.79 -65.21
C SER D 345 15.56 9.50 -63.99
N VAL D 346 16.12 8.79 -63.01
CA VAL D 346 15.32 8.36 -61.87
C VAL D 346 15.81 9.11 -60.65
N SER D 347 14.94 9.21 -59.64
CA SER D 347 15.25 9.84 -58.37
C SER D 347 15.64 8.76 -57.35
N ILE D 348 15.64 9.13 -56.06
CA ILE D 348 16.05 8.18 -55.02
C ILE D 348 14.96 8.10 -53.97
N VAL D 349 13.89 7.38 -54.27
CA VAL D 349 12.76 7.19 -53.37
C VAL D 349 12.50 5.69 -53.17
N VAL D 350 12.09 5.00 -54.23
CA VAL D 350 11.84 3.56 -54.19
C VAL D 350 13.00 2.78 -53.58
N TRP D 351 14.23 3.28 -53.75
CA TRP D 351 15.35 2.74 -52.99
C TRP D 351 15.26 3.02 -51.51
N GLN D 352 14.60 4.11 -51.11
CA GLN D 352 14.46 4.38 -49.68
C GLN D 352 13.41 3.44 -49.05
N SER D 353 12.17 3.49 -49.54
CA SER D 353 11.12 2.77 -48.86
C SER D 353 10.95 1.32 -49.35
N ALA D 354 10.74 1.12 -50.65
CA ALA D 354 10.39 -0.22 -51.12
C ALA D 354 11.59 -1.15 -51.27
N CYS D 355 12.81 -0.62 -51.19
CA CYS D 355 13.99 -1.50 -51.21
C CYS D 355 14.08 -2.31 -49.93
N SER D 356 13.33 -1.91 -48.91
CA SER D 356 13.26 -2.69 -47.67
C SER D 356 12.61 -4.04 -47.94
N GLY D 357 11.74 -4.10 -48.96
CA GLY D 357 11.16 -5.38 -49.33
C GLY D 357 12.16 -6.31 -49.99
N VAL D 358 13.22 -5.76 -50.59
CA VAL D 358 14.18 -6.59 -51.32
C VAL D 358 14.85 -7.57 -50.37
N LEU D 359 15.35 -7.06 -49.25
CA LEU D 359 15.91 -7.91 -48.21
C LEU D 359 14.85 -8.59 -47.35
N ALA D 360 13.59 -8.15 -47.43
CA ALA D 360 12.57 -8.71 -46.54
C ALA D 360 12.33 -10.19 -46.81
N LEU D 361 12.35 -10.60 -48.09
CA LEU D 361 12.27 -12.01 -48.41
C LEU D 361 13.50 -12.76 -47.93
N VAL D 362 14.66 -12.11 -48.00
CA VAL D 362 15.84 -12.75 -47.44
C VAL D 362 15.73 -12.82 -45.94
N ILE D 363 14.99 -11.89 -45.33
CA ILE D 363 14.68 -12.03 -43.91
C ILE D 363 13.89 -13.30 -43.67
N GLU D 364 12.87 -13.55 -44.50
CA GLU D 364 12.17 -14.80 -44.29
C GLU D 364 13.01 -16.00 -44.71
N ALA D 365 14.06 -15.77 -45.49
CA ALA D 365 14.99 -16.86 -45.73
C ALA D 365 15.68 -17.26 -44.44
N VAL D 366 16.03 -16.26 -43.61
CA VAL D 366 16.63 -16.59 -42.34
C VAL D 366 15.60 -17.21 -41.44
N MET D 367 14.31 -16.91 -41.68
CA MET D 367 13.26 -17.52 -40.90
C MET D 367 13.18 -19.01 -41.17
N ALA D 368 13.61 -19.44 -42.35
CA ALA D 368 13.70 -20.86 -42.63
C ALA D 368 15.03 -21.46 -42.19
N VAL D 369 16.04 -20.62 -41.92
CA VAL D 369 17.36 -21.15 -41.55
C VAL D 369 17.34 -21.66 -40.12
N VAL D 370 16.95 -20.80 -39.18
CA VAL D 370 16.94 -21.18 -37.78
C VAL D 370 15.76 -22.11 -37.48
N ARG D 371 14.57 -21.77 -37.95
CA ARG D 371 13.40 -22.60 -37.73
C ARG D 371 13.29 -23.68 -38.79
ZN ZN E . 0.15 -18.06 44.95
#